data_2GN6
#
_entry.id   2GN6
#
_cell.length_a   109.846
_cell.length_b   109.846
_cell.length_c   107.978
_cell.angle_alpha   90.00
_cell.angle_beta   90.00
_cell.angle_gamma   120.00
#
_symmetry.space_group_name_H-M   'P 63'
#
loop_
_entity.id
_entity.type
_entity.pdbx_description
1 polymer 'UDP-GlcNAc C6 dehydratase'
2 non-polymer 'NADP NICOTINAMIDE-ADENINE-DINUCLEOTIDE PHOSPHATE'
3 non-polymer URIDINE-DIPHOSPHATE-N-ACETYLGLUCOSAMINE
4 non-polymer '2-(N-MORPHOLINO)-ETHANESULFONIC ACID'
5 water water
#
_entity_poly.entity_id   1
_entity_poly.type   'polypeptide(L)'
_entity_poly.pdbx_seq_one_letter_code
;MHHHHHHGSMSMPNHQNMLDNQTILITGGTGSFGKCFVRKVLDTTNAKKIIVYSRDELKQSEMAMEFNDPRMRFFIGDVR
DLERLNYALEGVDICIHAAALKHVPIAEYNPLECIKTNIMGASNVINACLKNAISQVIALSTDKAANPINLYGATKLCSD
KLFVSANNFKGSSQTQFSVVRYGNVVGSRGSVVPFFKKLVQNKASEIPITDIRMTRFWITLDEGVSFVLKSLKRMHGGEI
FVPKIPSMKMTDLAKALAPNTPTKIIGIRPGEKLHEVMIPKDESHLALEFEDFFIIQPTISFQTPKDYTLTKLHEKGQKV
APDFEYSSHNNNQWLEPDDLLKLL
;
_entity_poly.pdbx_strand_id   A,B
#
# COMPACT_ATOMS: atom_id res chain seq x y z
N GLN A 16 19.30 -6.05 -30.48
CA GLN A 16 17.95 -5.59 -30.90
C GLN A 16 16.83 -6.26 -30.10
N ASN A 17 15.94 -5.44 -29.55
CA ASN A 17 14.80 -5.93 -28.76
C ASN A 17 15.10 -7.24 -28.03
N MET A 18 15.74 -7.14 -26.87
CA MET A 18 16.10 -8.34 -26.11
C MET A 18 15.05 -8.72 -25.07
N LEU A 19 13.92 -8.01 -25.08
CA LEU A 19 12.83 -8.31 -24.16
C LEU A 19 11.87 -9.16 -25.00
N ASP A 20 12.31 -9.43 -26.22
CA ASP A 20 11.55 -10.21 -27.18
C ASP A 20 11.24 -11.58 -26.58
N ASN A 21 9.98 -11.83 -26.28
CA ASN A 21 9.51 -13.10 -25.71
C ASN A 21 10.01 -13.42 -24.30
N GLN A 22 10.56 -12.42 -23.63
CA GLN A 22 11.06 -12.60 -22.28
C GLN A 22 9.97 -12.27 -21.27
N THR A 23 10.03 -12.92 -20.10
CA THR A 23 9.08 -12.66 -19.03
C THR A 23 9.80 -11.70 -18.07
N ILE A 24 9.16 -10.58 -17.76
CA ILE A 24 9.75 -9.58 -16.87
C ILE A 24 8.99 -9.39 -15.56
N LEU A 25 9.72 -9.34 -14.45
CA LEU A 25 9.07 -9.11 -13.16
C LEU A 25 9.62 -7.84 -12.57
N ILE A 26 8.74 -6.96 -12.14
CA ILE A 26 9.14 -5.69 -11.55
C ILE A 26 8.49 -5.49 -10.18
N THR A 27 9.31 -5.46 -9.15
CA THR A 27 8.81 -5.28 -7.80
C THR A 27 8.47 -3.79 -7.62
N GLY A 28 7.47 -3.52 -6.79
CA GLY A 28 7.06 -2.13 -6.60
C GLY A 28 6.52 -1.66 -7.93
N GLY A 29 5.98 -2.59 -8.70
CA GLY A 29 5.44 -2.29 -10.01
C GLY A 29 4.24 -1.36 -10.11
N THR A 30 3.60 -1.04 -8.98
CA THR A 30 2.44 -0.15 -9.02
C THR A 30 2.80 1.29 -8.75
N GLY A 31 4.09 1.58 -8.68
CA GLY A 31 4.54 2.94 -8.41
C GLY A 31 4.80 3.74 -9.67
N SER A 32 5.12 5.02 -9.50
CA SER A 32 5.37 5.90 -10.64
C SER A 32 6.26 5.26 -11.69
N PHE A 33 7.39 4.71 -11.26
CA PHE A 33 8.30 4.05 -12.19
C PHE A 33 7.63 2.84 -12.79
N GLY A 34 7.12 1.99 -11.92
CA GLY A 34 6.46 0.77 -12.33
C GLY A 34 5.44 0.92 -13.44
N LYS A 35 4.47 1.81 -13.25
CA LYS A 35 3.46 2.02 -14.27
C LYS A 35 4.07 2.56 -15.54
N CYS A 36 5.05 3.43 -15.41
CA CYS A 36 5.67 3.98 -16.59
C CYS A 36 6.50 2.90 -17.27
N PHE A 37 7.25 2.12 -16.48
CA PHE A 37 8.08 1.05 -17.04
C PHE A 37 7.25 -0.03 -17.74
N VAL A 38 6.17 -0.46 -17.09
CA VAL A 38 5.29 -1.47 -17.63
C VAL A 38 4.70 -0.95 -18.94
N ARG A 39 4.29 0.31 -18.90
CA ARG A 39 3.71 1.01 -20.06
C ARG A 39 4.68 1.02 -21.24
N LYS A 40 5.93 1.34 -20.95
CA LYS A 40 6.98 1.38 -21.97
C LYS A 40 7.21 -0.02 -22.53
N VAL A 41 7.35 -1.00 -21.64
CA VAL A 41 7.60 -2.36 -22.10
C VAL A 41 6.45 -2.97 -22.92
N LEU A 42 5.22 -2.69 -22.53
CA LEU A 42 4.07 -3.21 -23.26
C LEU A 42 3.96 -2.64 -24.67
N ASP A 43 4.15 -1.33 -24.75
CA ASP A 43 4.07 -0.62 -26.03
C ASP A 43 5.22 -0.85 -26.99
N THR A 44 6.44 -0.90 -26.47
CA THR A 44 7.61 -1.05 -27.31
C THR A 44 8.38 -2.37 -27.36
N THR A 45 7.84 -3.44 -26.78
CA THR A 45 8.58 -4.72 -26.83
C THR A 45 7.67 -5.91 -27.03
N ASN A 46 8.25 -7.04 -27.40
CA ASN A 46 7.47 -8.25 -27.59
C ASN A 46 7.67 -9.18 -26.39
N ALA A 47 7.69 -8.57 -25.21
CA ALA A 47 7.85 -9.31 -23.98
C ALA A 47 6.68 -10.27 -23.93
N LYS A 48 6.95 -11.51 -23.51
CA LYS A 48 5.93 -12.53 -23.43
C LYS A 48 4.90 -12.27 -22.33
N LYS A 49 5.41 -11.83 -21.18
CA LYS A 49 4.58 -11.56 -20.02
C LYS A 49 5.28 -10.54 -19.12
N ILE A 50 4.48 -9.72 -18.44
CA ILE A 50 5.02 -8.71 -17.54
C ILE A 50 4.35 -8.86 -16.18
N ILE A 51 5.16 -9.19 -15.17
CA ILE A 51 4.67 -9.41 -13.82
C ILE A 51 4.88 -8.23 -12.87
N VAL A 52 3.80 -7.72 -12.31
CA VAL A 52 3.86 -6.62 -11.34
C VAL A 52 3.85 -7.29 -9.98
N TYR A 53 4.87 -7.01 -9.18
CA TYR A 53 5.00 -7.59 -7.85
C TYR A 53 4.92 -6.48 -6.82
N SER A 54 3.80 -6.39 -6.10
CA SER A 54 3.63 -5.36 -5.09
C SER A 54 2.63 -5.82 -4.04
N ARG A 55 2.39 -4.99 -3.03
CA ARG A 55 1.52 -5.35 -1.92
C ARG A 55 0.05 -4.91 -1.92
N ASP A 56 -0.21 -3.68 -2.34
CA ASP A 56 -1.56 -3.12 -2.32
C ASP A 56 -2.57 -3.59 -3.35
N GLU A 57 -3.66 -4.15 -2.86
CA GLU A 57 -4.73 -4.63 -3.71
C GLU A 57 -5.43 -3.44 -4.39
N LEU A 58 -5.54 -2.32 -3.69
CA LEU A 58 -6.19 -1.16 -4.27
C LEU A 58 -5.51 -0.75 -5.56
N LYS A 59 -4.22 -0.41 -5.48
CA LYS A 59 -3.46 -0.01 -6.66
C LYS A 59 -3.40 -1.07 -7.77
N GLN A 60 -3.20 -2.33 -7.40
CA GLN A 60 -3.11 -3.38 -8.41
C GLN A 60 -4.47 -3.48 -9.10
N SER A 61 -5.52 -3.45 -8.28
CA SER A 61 -6.87 -3.49 -8.79
C SER A 61 -7.06 -2.35 -9.79
N GLU A 62 -6.62 -1.15 -9.43
CA GLU A 62 -6.73 0.02 -10.31
C GLU A 62 -5.89 -0.18 -11.57
N MET A 63 -4.62 -0.51 -11.37
CA MET A 63 -3.69 -0.69 -12.48
C MET A 63 -4.13 -1.73 -13.50
N ALA A 64 -4.73 -2.82 -13.03
CA ALA A 64 -5.18 -3.86 -13.96
C ALA A 64 -6.24 -3.30 -14.88
N MET A 65 -7.02 -2.34 -14.40
CA MET A 65 -8.06 -1.73 -15.21
C MET A 65 -7.49 -0.77 -16.26
N GLU A 66 -6.54 0.08 -15.86
CA GLU A 66 -5.95 1.02 -16.81
C GLU A 66 -4.95 0.33 -17.74
N PHE A 67 -4.41 -0.81 -17.30
CA PHE A 67 -3.47 -1.57 -18.11
C PHE A 67 -4.13 -2.92 -18.35
N ASN A 68 -5.36 -2.90 -18.86
CA ASN A 68 -6.11 -4.11 -19.13
C ASN A 68 -5.45 -4.86 -20.28
N ASP A 69 -4.30 -5.48 -20.00
CA ASP A 69 -3.56 -6.20 -21.02
C ASP A 69 -3.26 -7.63 -20.62
N PRO A 70 -3.62 -8.61 -21.49
CA PRO A 70 -3.42 -10.05 -21.29
C PRO A 70 -1.98 -10.44 -20.98
N ARG A 71 -1.02 -9.61 -21.39
CA ARG A 71 0.38 -9.89 -21.14
C ARG A 71 0.77 -9.48 -19.72
N MET A 72 -0.21 -9.03 -18.95
CA MET A 72 0.05 -8.60 -17.57
C MET A 72 -0.36 -9.68 -16.58
N ARG A 73 0.39 -9.75 -15.48
CA ARG A 73 0.10 -10.68 -14.40
C ARG A 73 0.36 -9.91 -13.12
N PHE A 74 -0.58 -9.94 -12.19
CA PHE A 74 -0.40 -9.24 -10.93
C PHE A 74 -0.27 -10.20 -9.77
N PHE A 75 0.86 -10.14 -9.08
CA PHE A 75 1.09 -10.97 -7.91
C PHE A 75 1.06 -10.08 -6.69
N ILE A 76 0.14 -10.35 -5.77
CA ILE A 76 0.10 -9.59 -4.53
C ILE A 76 1.25 -10.24 -3.73
N GLY A 77 2.23 -9.43 -3.32
CA GLY A 77 3.35 -9.99 -2.59
C GLY A 77 4.18 -8.89 -1.97
N ASP A 78 5.01 -9.27 -1.00
CA ASP A 78 5.88 -8.33 -0.30
C ASP A 78 7.34 -8.74 -0.54
N VAL A 79 8.21 -7.77 -0.79
CA VAL A 79 9.61 -8.11 -1.00
C VAL A 79 10.33 -8.57 0.28
N ARG A 80 9.65 -8.52 1.43
CA ARG A 80 10.22 -8.98 2.69
C ARG A 80 9.92 -10.47 2.94
N ASP A 81 9.23 -11.10 1.98
CA ASP A 81 8.80 -12.49 2.08
C ASP A 81 9.44 -13.31 0.97
N LEU A 82 10.53 -13.98 1.31
CA LEU A 82 11.33 -14.78 0.37
C LEU A 82 10.59 -15.90 -0.32
N GLU A 83 9.69 -16.55 0.42
CA GLU A 83 8.94 -17.66 -0.14
C GLU A 83 7.99 -17.21 -1.24
N ARG A 84 7.41 -16.03 -1.06
CA ARG A 84 6.48 -15.49 -2.04
C ARG A 84 7.24 -15.05 -3.28
N LEU A 85 8.41 -14.46 -3.06
CA LEU A 85 9.27 -14.01 -4.16
C LEU A 85 9.78 -15.20 -4.97
N ASN A 86 10.19 -16.26 -4.26
CA ASN A 86 10.70 -17.46 -4.89
C ASN A 86 9.65 -18.03 -5.81
N TYR A 87 8.40 -17.80 -5.44
CA TYR A 87 7.26 -18.29 -6.18
C TYR A 87 6.91 -17.43 -7.38
N ALA A 88 7.13 -16.12 -7.27
CA ALA A 88 6.79 -15.21 -8.35
C ALA A 88 7.87 -15.14 -9.43
N LEU A 89 9.12 -15.24 -9.03
CA LEU A 89 10.22 -15.16 -9.98
C LEU A 89 10.33 -16.45 -10.77
N GLU A 90 9.60 -17.45 -10.31
CA GLU A 90 9.60 -18.74 -10.98
C GLU A 90 9.41 -18.46 -12.47
N GLY A 91 10.36 -18.91 -13.28
CA GLY A 91 10.28 -18.70 -14.72
C GLY A 91 10.48 -17.29 -15.24
N VAL A 92 10.95 -16.37 -14.42
CA VAL A 92 11.16 -15.01 -14.89
C VAL A 92 12.53 -14.90 -15.58
N ASP A 93 12.66 -13.97 -16.52
CA ASP A 93 13.91 -13.79 -17.24
C ASP A 93 14.64 -12.53 -16.78
N ILE A 94 13.87 -11.47 -16.62
CA ILE A 94 14.40 -10.18 -16.20
C ILE A 94 13.64 -9.60 -15.01
N CYS A 95 14.40 -9.17 -14.01
CA CYS A 95 13.80 -8.59 -12.83
C CYS A 95 14.24 -7.15 -12.64
N ILE A 96 13.24 -6.29 -12.55
CA ILE A 96 13.44 -4.88 -12.32
C ILE A 96 12.96 -4.71 -10.88
N HIS A 97 13.88 -4.28 -10.02
CA HIS A 97 13.57 -4.10 -8.62
C HIS A 97 13.34 -2.63 -8.29
N ALA A 98 12.06 -2.26 -8.18
CA ALA A 98 11.70 -0.88 -7.89
C ALA A 98 10.99 -0.70 -6.56
N ALA A 99 10.74 -1.79 -5.85
CA ALA A 99 10.04 -1.69 -4.55
C ALA A 99 10.93 -1.01 -3.51
N ALA A 100 10.33 -0.17 -2.66
CA ALA A 100 11.09 0.51 -1.63
C ALA A 100 10.24 1.47 -0.83
N LEU A 101 10.81 1.91 0.29
CA LEU A 101 10.20 2.91 1.16
C LEU A 101 11.16 4.08 0.97
N LYS A 102 10.69 5.17 0.35
CA LYS A 102 11.60 6.30 0.09
C LYS A 102 11.26 7.65 0.69
N HIS A 103 10.26 7.72 1.55
CA HIS A 103 9.93 9.00 2.16
C HIS A 103 10.98 9.20 3.24
N VAL A 104 12.02 9.96 2.92
CA VAL A 104 13.12 10.20 3.84
C VAL A 104 12.73 10.49 5.29
N PRO A 105 11.94 11.54 5.52
CA PRO A 105 11.60 11.76 6.93
C PRO A 105 10.78 10.64 7.55
N ILE A 106 9.88 10.03 6.79
CA ILE A 106 9.10 8.92 7.35
C ILE A 106 10.05 7.75 7.66
N ALA A 107 11.15 7.65 6.91
CA ALA A 107 12.12 6.58 7.14
C ALA A 107 12.93 6.82 8.42
N GLU A 108 13.13 8.09 8.78
CA GLU A 108 13.87 8.45 9.99
C GLU A 108 13.07 8.03 11.24
N TYR A 109 11.74 8.07 11.13
CA TYR A 109 10.88 7.69 12.25
C TYR A 109 10.55 6.20 12.21
N ASN A 110 10.80 5.56 11.08
CA ASN A 110 10.50 4.15 10.96
C ASN A 110 11.66 3.41 10.34
N PRO A 111 12.84 3.51 10.97
CA PRO A 111 14.12 2.91 10.60
C PRO A 111 14.08 1.43 10.19
N LEU A 112 13.64 0.57 11.11
CA LEU A 112 13.60 -0.86 10.83
C LEU A 112 12.69 -1.19 9.65
N GLU A 113 11.59 -0.47 9.52
CA GLU A 113 10.68 -0.73 8.41
C GLU A 113 11.41 -0.54 7.08
N CYS A 114 12.09 0.61 6.95
CA CYS A 114 12.82 0.96 5.75
C CYS A 114 13.96 -0.04 5.52
N ILE A 115 14.56 -0.49 6.61
CA ILE A 115 15.64 -1.46 6.52
C ILE A 115 15.11 -2.81 6.01
N LYS A 116 13.97 -3.22 6.56
CA LYS A 116 13.34 -4.48 6.18
C LYS A 116 12.96 -4.48 4.71
N THR A 117 12.37 -3.38 4.26
CA THR A 117 11.93 -3.30 2.87
C THR A 117 13.06 -3.11 1.86
N ASN A 118 13.96 -2.17 2.12
CA ASN A 118 15.05 -1.88 1.19
C ASN A 118 16.28 -2.81 1.29
N ILE A 119 16.72 -3.10 2.51
CA ILE A 119 17.87 -3.96 2.67
C ILE A 119 17.47 -5.42 2.58
N MET A 120 16.64 -5.89 3.52
CA MET A 120 16.23 -7.29 3.48
C MET A 120 15.44 -7.59 2.20
N GLY A 121 14.76 -6.60 1.66
CA GLY A 121 14.04 -6.81 0.43
C GLY A 121 15.03 -7.08 -0.70
N ALA A 122 16.10 -6.31 -0.74
CA ALA A 122 17.13 -6.49 -1.77
C ALA A 122 17.63 -7.91 -1.60
N SER A 123 17.95 -8.24 -0.36
CA SER A 123 18.44 -9.54 0.02
C SER A 123 17.56 -10.68 -0.57
N ASN A 124 16.27 -10.69 -0.28
CA ASN A 124 15.39 -11.74 -0.80
C ASN A 124 15.22 -11.80 -2.34
N VAL A 125 15.20 -10.64 -2.98
CA VAL A 125 15.06 -10.60 -4.42
C VAL A 125 16.26 -11.28 -5.08
N ILE A 126 17.46 -10.99 -4.58
CA ILE A 126 18.69 -11.55 -5.13
C ILE A 126 18.66 -13.07 -4.93
N ASN A 127 18.27 -13.49 -3.74
CA ASN A 127 18.19 -14.90 -3.42
C ASN A 127 17.20 -15.61 -4.35
N ALA A 128 15.99 -15.08 -4.47
CA ALA A 128 14.98 -15.65 -5.33
C ALA A 128 15.32 -15.61 -6.84
N CYS A 129 16.04 -14.58 -7.28
CA CYS A 129 16.41 -14.50 -8.68
C CYS A 129 17.41 -15.60 -9.01
N LEU A 130 18.41 -15.76 -8.14
CA LEU A 130 19.41 -16.81 -8.32
C LEU A 130 18.72 -18.17 -8.37
N LYS A 131 17.83 -18.42 -7.41
CA LYS A 131 17.12 -19.69 -7.35
C LYS A 131 16.32 -20.04 -8.60
N ASN A 132 15.73 -19.03 -9.24
CA ASN A 132 14.94 -19.26 -10.44
C ASN A 132 15.73 -18.96 -11.71
N ALA A 133 17.04 -18.83 -11.55
CA ALA A 133 17.94 -18.57 -12.66
C ALA A 133 17.50 -17.43 -13.57
N ILE A 134 17.33 -16.25 -13.00
CA ILE A 134 16.95 -15.07 -13.79
C ILE A 134 18.17 -14.61 -14.59
N SER A 135 17.95 -14.09 -15.79
CA SER A 135 19.07 -13.63 -16.64
C SER A 135 19.69 -12.31 -16.20
N GLN A 136 18.86 -11.28 -16.18
CA GLN A 136 19.33 -9.95 -15.82
C GLN A 136 18.45 -9.34 -14.76
N VAL A 137 19.09 -8.63 -13.85
CA VAL A 137 18.39 -7.98 -12.77
C VAL A 137 18.92 -6.57 -12.63
N ILE A 138 18.02 -5.59 -12.60
CA ILE A 138 18.44 -4.21 -12.39
C ILE A 138 17.63 -3.67 -11.22
N ALA A 139 18.35 -3.21 -10.20
CA ALA A 139 17.73 -2.64 -9.02
C ALA A 139 17.91 -1.13 -9.12
N LEU A 140 16.90 -0.37 -8.71
CA LEU A 140 16.98 1.07 -8.77
C LEU A 140 17.62 1.61 -7.51
N SER A 141 18.51 2.57 -7.70
CA SER A 141 19.22 3.21 -6.60
C SER A 141 18.71 4.63 -6.48
N THR A 142 19.56 5.54 -6.04
CA THR A 142 19.18 6.94 -5.87
C THR A 142 20.41 7.72 -5.48
N ASP A 143 20.46 8.99 -5.88
CA ASP A 143 21.61 9.83 -5.55
C ASP A 143 21.76 9.93 -4.04
N LYS A 144 20.71 9.60 -3.31
CA LYS A 144 20.78 9.69 -1.87
C LYS A 144 21.65 8.62 -1.26
N ALA A 145 21.99 7.62 -2.06
CA ALA A 145 22.83 6.50 -1.63
C ALA A 145 24.34 6.78 -1.69
N ALA A 146 24.71 7.98 -2.17
CA ALA A 146 26.13 8.34 -2.26
C ALA A 146 26.51 9.25 -1.09
N ASN A 147 27.45 8.81 -0.25
CA ASN A 147 27.82 9.60 0.93
C ASN A 147 26.51 10.02 1.62
N PRO A 148 25.58 9.06 1.85
CA PRO A 148 24.30 9.37 2.48
C PRO A 148 24.35 9.92 3.89
N ILE A 149 23.30 10.63 4.29
CA ILE A 149 23.22 11.12 5.66
C ILE A 149 21.97 10.54 6.27
N ASN A 150 20.91 10.43 5.48
CA ASN A 150 19.68 9.88 6.02
C ASN A 150 19.69 8.35 5.93
N LEU A 151 18.89 7.73 6.80
CA LEU A 151 18.79 6.27 6.86
C LEU A 151 18.35 5.69 5.52
N TYR A 152 17.32 6.29 4.92
CA TYR A 152 16.83 5.82 3.64
C TYR A 152 18.00 5.61 2.68
N GLY A 153 18.81 6.66 2.52
CA GLY A 153 19.94 6.61 1.63
C GLY A 153 20.90 5.52 2.05
N ALA A 154 21.00 5.31 3.35
CA ALA A 154 21.87 4.27 3.89
C ALA A 154 21.34 2.90 3.48
N THR A 155 20.01 2.75 3.41
CA THR A 155 19.43 1.47 3.03
C THR A 155 19.60 1.21 1.53
N LYS A 156 19.67 2.27 0.73
CA LYS A 156 19.85 2.06 -0.70
C LYS A 156 21.31 1.71 -0.98
N LEU A 157 22.22 2.31 -0.20
CA LEU A 157 23.64 2.03 -0.36
C LEU A 157 23.86 0.56 -0.04
N CYS A 158 23.26 0.08 1.06
CA CYS A 158 23.38 -1.34 1.41
C CYS A 158 22.77 -2.18 0.28
N SER A 159 21.68 -1.68 -0.27
CA SER A 159 21.01 -2.37 -1.37
C SER A 159 21.98 -2.50 -2.57
N ASP A 160 22.43 -1.36 -3.10
CA ASP A 160 23.34 -1.32 -4.23
C ASP A 160 24.50 -2.29 -4.04
N LYS A 161 25.06 -2.28 -2.83
CA LYS A 161 26.19 -3.13 -2.50
C LYS A 161 25.86 -4.62 -2.63
N LEU A 162 24.66 -4.99 -2.19
CA LEU A 162 24.23 -6.40 -2.28
C LEU A 162 24.10 -6.86 -3.73
N PHE A 163 23.45 -6.03 -4.55
CA PHE A 163 23.26 -6.36 -5.95
C PHE A 163 24.59 -6.47 -6.68
N VAL A 164 25.51 -5.56 -6.39
CA VAL A 164 26.81 -5.61 -7.05
C VAL A 164 27.56 -6.87 -6.62
N SER A 165 27.49 -7.17 -5.33
CA SER A 165 28.14 -8.35 -4.78
C SER A 165 27.52 -9.67 -5.28
N ALA A 166 26.20 -9.63 -5.51
CA ALA A 166 25.47 -10.79 -5.98
C ALA A 166 26.08 -11.42 -7.23
N ASN A 167 26.87 -10.62 -7.95
CA ASN A 167 27.52 -11.06 -9.18
C ASN A 167 28.65 -12.04 -8.88
N ASN A 168 29.25 -11.87 -7.70
CA ASN A 168 30.38 -12.71 -7.27
C ASN A 168 29.90 -14.11 -6.92
N PHE A 169 28.87 -14.57 -7.59
CA PHE A 169 28.32 -15.90 -7.35
C PHE A 169 28.77 -16.83 -8.48
N LYS A 170 28.36 -18.10 -8.40
CA LYS A 170 28.70 -19.08 -9.42
C LYS A 170 27.67 -20.20 -9.47
N GLY A 171 26.58 -19.95 -10.20
CA GLY A 171 25.54 -20.96 -10.33
C GLY A 171 25.57 -21.53 -11.73
N SER A 172 24.77 -22.56 -11.98
CA SER A 172 24.72 -23.19 -13.30
C SER A 172 23.91 -22.37 -14.31
N SER A 173 24.05 -21.05 -14.25
CA SER A 173 23.35 -20.13 -15.13
C SER A 173 23.62 -18.71 -14.65
N GLN A 174 24.66 -18.08 -15.20
CA GLN A 174 25.05 -16.73 -14.83
C GLN A 174 23.87 -15.76 -14.79
N THR A 175 23.68 -15.14 -13.63
CA THR A 175 22.64 -14.16 -13.43
C THR A 175 23.37 -12.83 -13.30
N GLN A 176 23.03 -11.86 -14.14
CA GLN A 176 23.70 -10.57 -14.08
C GLN A 176 22.92 -9.59 -13.20
N PHE A 177 23.64 -8.91 -12.31
CA PHE A 177 23.03 -7.94 -11.40
C PHE A 177 23.62 -6.55 -11.61
N SER A 178 22.76 -5.58 -11.88
CA SER A 178 23.23 -4.21 -12.07
C SER A 178 22.34 -3.22 -11.34
N VAL A 179 22.86 -2.00 -11.18
CA VAL A 179 22.15 -0.93 -10.49
C VAL A 179 22.05 0.33 -11.37
N VAL A 180 20.93 1.05 -11.26
CA VAL A 180 20.74 2.28 -12.01
C VAL A 180 20.43 3.37 -11.01
N ARG A 181 21.28 4.39 -11.00
CA ARG A 181 21.12 5.50 -10.07
C ARG A 181 20.98 6.84 -10.79
N TYR A 182 19.99 7.61 -10.36
CA TYR A 182 19.76 8.94 -10.93
C TYR A 182 19.04 9.78 -9.90
N GLY A 183 19.07 11.09 -10.09
CA GLY A 183 18.45 11.99 -9.12
C GLY A 183 16.94 12.18 -9.12
N ASN A 184 16.52 13.33 -8.64
CA ASN A 184 15.11 13.70 -8.53
C ASN A 184 14.32 13.50 -9.81
N VAL A 185 13.17 12.84 -9.68
CA VAL A 185 12.30 12.59 -10.80
C VAL A 185 11.28 13.73 -10.88
N VAL A 186 11.52 14.63 -11.83
CA VAL A 186 10.65 15.78 -12.05
C VAL A 186 9.19 15.38 -11.91
N GLY A 187 8.54 15.95 -10.90
CA GLY A 187 7.14 15.64 -10.69
C GLY A 187 6.83 14.19 -10.38
N SER A 188 7.50 13.62 -9.37
CA SER A 188 7.26 12.24 -8.98
C SER A 188 6.10 12.16 -7.98
N ARG A 189 5.46 11.00 -7.89
CA ARG A 189 4.33 10.79 -6.99
C ARG A 189 4.56 11.22 -5.54
N GLY A 190 4.70 12.52 -5.33
CA GLY A 190 4.93 13.02 -3.99
C GLY A 190 6.18 13.87 -3.85
N SER A 191 6.64 14.45 -4.96
CA SER A 191 7.84 15.27 -4.92
C SER A 191 7.51 16.76 -4.77
N VAL A 192 8.40 17.62 -5.28
CA VAL A 192 8.21 19.06 -5.19
C VAL A 192 7.18 19.59 -6.19
N VAL A 193 7.46 19.41 -7.48
CA VAL A 193 6.55 19.88 -8.53
C VAL A 193 5.09 19.53 -8.26
N PRO A 194 4.78 18.23 -8.08
CA PRO A 194 3.39 17.78 -7.82
C PRO A 194 2.82 18.32 -6.51
N PHE A 195 3.43 19.36 -5.97
CA PHE A 195 2.96 19.97 -4.74
C PHE A 195 2.55 21.42 -5.05
N PHE A 196 3.43 22.10 -5.78
CA PHE A 196 3.21 23.49 -6.18
C PHE A 196 1.94 23.61 -7.05
N LYS A 197 1.31 22.47 -7.27
CA LYS A 197 0.08 22.39 -8.07
C LYS A 197 -1.09 22.07 -7.14
N LYS A 198 -0.84 21.16 -6.20
CA LYS A 198 -1.85 20.73 -5.25
C LYS A 198 -2.10 21.81 -4.20
N LEU A 199 -1.18 22.76 -4.09
CA LEU A 199 -1.30 23.84 -3.12
C LEU A 199 -2.01 25.05 -3.73
N VAL A 200 -1.60 25.43 -4.95
CA VAL A 200 -2.19 26.56 -5.65
C VAL A 200 -3.63 26.26 -6.07
N GLN A 201 -4.01 24.99 -5.95
CA GLN A 201 -5.36 24.51 -6.29
C GLN A 201 -6.34 24.67 -5.13
N ASN A 202 -5.82 24.65 -3.90
CA ASN A 202 -6.61 24.81 -2.70
C ASN A 202 -6.21 26.12 -2.00
N LYS A 203 -6.21 27.20 -2.77
CA LYS A 203 -5.83 28.54 -2.32
C LYS A 203 -4.51 28.56 -1.55
N ALA A 204 -3.41 28.37 -2.27
CA ALA A 204 -2.08 28.35 -1.66
C ALA A 204 -1.69 29.68 -1.02
N SER A 205 -1.95 29.81 0.27
CA SER A 205 -1.62 31.03 1.00
C SER A 205 -0.14 31.35 0.80
N GLU A 206 0.68 30.31 0.69
CA GLU A 206 2.11 30.47 0.49
C GLU A 206 2.75 29.08 0.40
N ILE A 207 3.65 28.90 -0.58
CA ILE A 207 4.32 27.61 -0.80
C ILE A 207 5.75 27.56 -0.21
N PRO A 208 5.91 26.86 0.93
CA PRO A 208 7.19 26.68 1.66
C PRO A 208 8.42 26.34 0.82
N ILE A 209 9.56 26.87 1.25
CA ILE A 209 10.84 26.63 0.60
C ILE A 209 11.89 26.31 1.68
N THR A 210 13.17 26.25 1.32
CA THR A 210 14.21 25.92 2.29
C THR A 210 15.46 26.80 2.14
N ASP A 211 16.62 26.15 2.02
CA ASP A 211 17.88 26.86 1.88
C ASP A 211 18.02 27.44 0.46
N ILE A 212 18.53 28.67 0.38
CA ILE A 212 18.69 29.35 -0.91
C ILE A 212 19.96 28.92 -1.66
N ARG A 213 20.45 27.73 -1.33
CA ARG A 213 21.65 27.19 -1.98
C ARG A 213 21.27 25.81 -2.52
N MET A 214 20.14 25.30 -2.04
CA MET A 214 19.60 24.00 -2.42
C MET A 214 19.62 23.69 -3.91
N THR A 215 20.41 22.70 -4.31
CA THR A 215 20.50 22.28 -5.72
C THR A 215 20.21 20.78 -5.82
N ARG A 216 19.73 20.35 -6.99
CA ARG A 216 19.39 18.95 -7.20
C ARG A 216 19.58 18.55 -8.67
N PHE A 217 19.71 17.25 -8.91
CA PHE A 217 19.83 16.75 -10.27
C PHE A 217 18.39 16.58 -10.73
N TRP A 218 18.17 16.58 -12.04
CA TRP A 218 16.82 16.40 -12.55
C TRP A 218 16.72 15.46 -13.74
N ILE A 219 15.57 14.81 -13.85
CA ILE A 219 15.31 13.87 -14.93
C ILE A 219 13.82 13.54 -14.95
N THR A 220 13.33 13.14 -16.12
CA THR A 220 11.92 12.79 -16.26
C THR A 220 11.73 11.29 -16.02
N LEU A 221 10.50 10.91 -15.69
CA LEU A 221 10.16 9.53 -15.43
C LEU A 221 10.44 8.72 -16.69
N ASP A 222 10.05 9.25 -17.84
CA ASP A 222 10.27 8.59 -19.12
C ASP A 222 11.76 8.38 -19.39
N GLU A 223 12.58 9.37 -19.06
CA GLU A 223 14.02 9.27 -19.27
C GLU A 223 14.61 8.16 -18.42
N GLY A 224 14.10 8.02 -17.19
CA GLY A 224 14.60 6.99 -16.31
C GLY A 224 14.26 5.62 -16.85
N VAL A 225 12.99 5.43 -17.20
CA VAL A 225 12.55 4.15 -17.75
C VAL A 225 13.42 3.78 -18.94
N SER A 226 13.50 4.69 -19.90
CA SER A 226 14.27 4.49 -21.10
C SER A 226 15.71 4.10 -20.77
N PHE A 227 16.27 4.80 -19.78
CA PHE A 227 17.64 4.54 -19.35
C PHE A 227 17.78 3.12 -18.79
N VAL A 228 16.84 2.72 -17.93
CA VAL A 228 16.88 1.38 -17.35
C VAL A 228 16.73 0.35 -18.45
N LEU A 229 15.86 0.65 -19.39
CA LEU A 229 15.62 -0.25 -20.49
C LEU A 229 16.86 -0.39 -21.33
N LYS A 230 17.65 0.68 -21.46
CA LYS A 230 18.86 0.60 -22.26
C LYS A 230 20.02 -0.01 -21.50
N SER A 231 20.02 0.17 -20.17
CA SER A 231 21.08 -0.40 -19.37
C SER A 231 21.04 -1.91 -19.49
N LEU A 232 19.85 -2.45 -19.74
CA LEU A 232 19.69 -3.89 -19.91
C LEU A 232 20.47 -4.36 -21.14
N LYS A 233 20.43 -3.53 -22.18
CA LYS A 233 21.09 -3.83 -23.45
C LYS A 233 22.61 -3.76 -23.44
N ARG A 234 23.18 -3.00 -22.52
CA ARG A 234 24.63 -2.91 -22.47
C ARG A 234 25.30 -3.43 -21.21
N MET A 235 24.49 -3.81 -20.21
CA MET A 235 25.06 -4.31 -18.96
C MET A 235 25.76 -5.66 -19.06
N HIS A 236 26.82 -5.80 -18.26
CA HIS A 236 27.62 -7.03 -18.18
C HIS A 236 27.31 -7.63 -16.84
N GLY A 237 26.86 -6.77 -15.93
CA GLY A 237 26.54 -7.19 -14.57
C GLY A 237 27.57 -6.67 -13.60
N GLY A 238 27.13 -5.91 -12.61
CA GLY A 238 28.05 -5.39 -11.62
C GLY A 238 28.16 -3.89 -11.67
N GLU A 239 27.57 -3.30 -12.70
CA GLU A 239 27.62 -1.86 -12.90
C GLU A 239 26.63 -1.03 -12.10
N ILE A 240 26.99 0.22 -11.87
CA ILE A 240 26.08 1.16 -11.25
C ILE A 240 26.03 2.22 -12.34
N PHE A 241 25.04 2.11 -13.21
CA PHE A 241 24.89 3.08 -14.29
C PHE A 241 24.38 4.41 -13.76
N VAL A 242 25.01 5.48 -14.22
CA VAL A 242 24.64 6.84 -13.81
C VAL A 242 24.48 7.67 -15.07
N PRO A 243 23.25 8.11 -15.36
CA PRO A 243 23.02 8.92 -16.56
C PRO A 243 23.46 10.37 -16.34
N LYS A 244 23.87 11.05 -17.41
CA LYS A 244 24.25 12.45 -17.31
C LYS A 244 22.97 13.25 -17.38
N ILE A 245 22.62 13.91 -16.28
CA ILE A 245 21.41 14.70 -16.22
C ILE A 245 21.69 16.10 -15.68
N PRO A 246 20.81 17.06 -15.97
CA PRO A 246 20.92 18.46 -15.54
C PRO A 246 20.51 18.72 -14.09
N SER A 247 20.94 19.86 -13.57
CA SER A 247 20.62 20.26 -12.21
C SER A 247 19.92 21.61 -12.20
N MET A 248 19.18 21.89 -11.14
CA MET A 248 18.44 23.13 -11.00
C MET A 248 18.33 23.57 -9.55
N LYS A 249 18.66 24.83 -9.28
CA LYS A 249 18.56 25.34 -7.92
C LYS A 249 17.07 25.43 -7.54
N MET A 250 16.76 25.16 -6.29
CA MET A 250 15.38 25.19 -5.82
C MET A 250 14.66 26.54 -5.91
N THR A 251 15.38 27.58 -6.32
CA THR A 251 14.77 28.90 -6.46
C THR A 251 14.00 28.97 -7.78
N ASP A 252 14.69 28.69 -8.86
CA ASP A 252 14.10 28.72 -10.19
C ASP A 252 12.85 27.85 -10.22
N LEU A 253 12.77 26.88 -9.32
CA LEU A 253 11.62 25.99 -9.23
C LEU A 253 10.51 26.65 -8.43
N ALA A 254 10.61 27.97 -8.26
CA ALA A 254 9.61 28.76 -7.54
C ALA A 254 8.82 29.64 -8.51
N LYS A 255 9.22 29.58 -9.79
CA LYS A 255 8.56 30.33 -10.85
C LYS A 255 8.12 29.36 -11.94
N ALA A 256 7.03 28.66 -11.69
CA ALA A 256 6.50 27.70 -12.64
C ALA A 256 5.10 27.22 -12.27
N LEU A 257 4.85 27.05 -10.97
CA LEU A 257 3.54 26.60 -10.46
C LEU A 257 2.95 27.52 -9.40
N ALA A 258 3.40 28.78 -9.39
CA ALA A 258 2.92 29.79 -8.45
C ALA A 258 3.86 31.00 -8.34
N PRO A 259 4.32 31.54 -9.49
CA PRO A 259 5.23 32.71 -9.43
C PRO A 259 4.56 33.92 -8.77
N ASN A 260 3.24 33.98 -8.86
CA ASN A 260 2.46 35.07 -8.28
C ASN A 260 1.97 34.79 -6.86
N THR A 261 2.58 33.79 -6.22
CA THR A 261 2.26 33.42 -4.84
C THR A 261 3.58 33.37 -4.06
N PRO A 262 3.63 34.01 -2.88
CA PRO A 262 4.85 34.03 -2.08
C PRO A 262 5.31 32.66 -1.60
N THR A 263 6.57 32.55 -1.18
CA THR A 263 7.12 31.29 -0.70
C THR A 263 7.88 31.45 0.62
N LYS A 264 7.24 31.07 1.71
CA LYS A 264 7.81 31.14 3.06
C LYS A 264 9.06 30.26 3.14
N ILE A 265 10.05 30.65 3.95
CA ILE A 265 11.30 29.88 4.08
C ILE A 265 11.37 28.93 5.28
N ILE A 266 11.34 27.63 5.00
CA ILE A 266 11.40 26.61 6.05
C ILE A 266 12.86 26.30 6.41
N GLY A 267 13.76 26.52 5.45
CA GLY A 267 15.17 26.27 5.69
C GLY A 267 15.66 24.87 5.34
N ILE A 268 15.30 23.89 6.17
CA ILE A 268 15.71 22.49 5.96
C ILE A 268 14.68 21.52 6.56
N ARG A 269 14.77 20.25 6.17
CA ARG A 269 13.86 19.22 6.66
C ARG A 269 14.70 18.06 7.19
N PRO A 270 14.08 17.13 7.94
CA PRO A 270 14.83 15.99 8.49
C PRO A 270 15.66 15.17 7.49
N GLY A 271 16.96 15.03 7.77
CA GLY A 271 17.85 14.25 6.92
C GLY A 271 18.04 14.71 5.49
N GLU A 272 17.97 16.01 5.26
CA GLU A 272 18.13 16.55 3.91
C GLU A 272 19.52 17.16 3.70
N LYS A 273 20.02 17.06 2.47
CA LYS A 273 21.33 17.62 2.13
C LYS A 273 21.12 18.94 1.37
N LEU A 274 22.19 19.71 1.20
CA LEU A 274 22.11 20.95 0.44
C LEU A 274 22.30 20.55 -1.01
N HIS A 275 23.20 19.61 -1.25
CA HIS A 275 23.48 19.14 -2.59
C HIS A 275 23.61 17.62 -2.62
N GLU A 276 23.27 17.03 -3.76
CA GLU A 276 23.32 15.58 -3.89
C GLU A 276 24.53 15.09 -4.67
N VAL A 277 25.07 13.96 -4.24
CA VAL A 277 26.22 13.36 -4.88
C VAL A 277 25.74 12.15 -5.68
N MET A 278 26.25 11.98 -6.90
CA MET A 278 25.88 10.83 -7.72
C MET A 278 27.09 9.90 -7.79
N ILE A 279 28.27 10.48 -8.00
CA ILE A 279 29.50 9.71 -8.03
C ILE A 279 30.48 10.36 -7.05
N PRO A 280 30.64 9.76 -5.86
CA PRO A 280 31.53 10.25 -4.81
C PRO A 280 32.96 10.41 -5.29
N LYS A 281 33.66 11.39 -4.73
CA LYS A 281 35.04 11.62 -5.11
C LYS A 281 35.90 10.40 -4.84
N ASP A 282 35.69 9.76 -3.68
CA ASP A 282 36.47 8.59 -3.33
C ASP A 282 36.24 7.37 -4.22
N GLU A 283 35.44 7.52 -5.26
CA GLU A 283 35.17 6.40 -6.16
C GLU A 283 35.44 6.75 -7.61
N SER A 284 36.04 7.92 -7.83
CA SER A 284 36.36 8.37 -9.19
C SER A 284 37.29 7.41 -9.95
N HIS A 285 38.07 6.61 -9.22
CA HIS A 285 38.98 5.66 -9.84
C HIS A 285 38.22 4.45 -10.39
N LEU A 286 36.99 4.28 -9.92
CA LEU A 286 36.15 3.18 -10.37
C LEU A 286 35.27 3.69 -11.50
N ALA A 287 35.05 5.00 -11.51
CA ALA A 287 34.20 5.65 -12.52
C ALA A 287 34.76 5.68 -13.93
N LEU A 288 33.91 5.30 -14.89
CA LEU A 288 34.24 5.30 -16.31
C LEU A 288 33.24 6.24 -16.98
N GLU A 289 33.73 7.04 -17.93
CA GLU A 289 32.86 8.00 -18.61
C GLU A 289 32.50 7.60 -20.04
N PHE A 290 31.30 8.02 -20.45
CA PHE A 290 30.76 7.73 -21.77
C PHE A 290 30.08 9.01 -22.28
N GLU A 291 29.67 9.00 -23.54
CA GLU A 291 29.02 10.17 -24.13
C GLU A 291 27.97 10.83 -23.25
N ASP A 292 27.11 10.06 -22.60
CA ASP A 292 26.10 10.69 -21.77
C ASP A 292 25.73 9.95 -20.48
N PHE A 293 26.57 9.02 -20.08
CA PHE A 293 26.32 8.26 -18.86
C PHE A 293 27.63 7.71 -18.31
N PHE A 294 27.64 7.46 -17.00
CA PHE A 294 28.81 6.93 -16.32
C PHE A 294 28.57 5.49 -15.86
N ILE A 295 29.67 4.81 -15.54
CA ILE A 295 29.64 3.44 -15.03
C ILE A 295 30.52 3.36 -13.79
N ILE A 296 29.93 3.19 -12.62
CA ILE A 296 30.73 3.07 -11.41
C ILE A 296 31.01 1.59 -11.27
N GLN A 297 32.27 1.22 -11.45
CA GLN A 297 32.71 -0.17 -11.36
C GLN A 297 32.74 -0.75 -9.95
N PRO A 298 32.57 -2.07 -9.83
CA PRO A 298 32.58 -2.74 -8.53
C PRO A 298 33.86 -2.43 -7.75
N THR A 299 33.75 -2.16 -6.45
CA THR A 299 34.95 -1.86 -5.67
C THR A 299 35.66 -3.17 -5.37
N ILE A 300 34.92 -4.28 -5.41
CA ILE A 300 35.49 -5.60 -5.17
C ILE A 300 35.74 -6.25 -6.53
N SER A 301 36.54 -7.30 -6.57
CA SER A 301 36.81 -7.99 -7.82
C SER A 301 35.97 -9.26 -7.90
N PHE A 302 35.50 -9.59 -9.10
CA PHE A 302 34.70 -10.79 -9.28
C PHE A 302 35.62 -11.91 -9.70
N GLN A 303 35.13 -13.14 -9.60
CA GLN A 303 35.93 -14.29 -10.00
C GLN A 303 36.09 -14.26 -11.53
N THR A 304 34.97 -14.10 -12.22
CA THR A 304 35.00 -14.03 -13.68
C THR A 304 34.87 -12.55 -14.05
N PRO A 305 35.99 -11.82 -14.03
CA PRO A 305 36.02 -10.39 -14.36
C PRO A 305 35.51 -10.02 -15.75
N LYS A 306 34.89 -8.86 -15.84
CA LYS A 306 34.33 -8.35 -17.09
C LYS A 306 35.05 -7.06 -17.42
N ASP A 307 34.96 -6.60 -18.67
CA ASP A 307 35.61 -5.37 -19.09
C ASP A 307 34.59 -4.26 -19.24
N TYR A 308 34.48 -3.42 -18.21
CA TYR A 308 33.50 -2.33 -18.21
C TYR A 308 33.78 -1.16 -19.13
N THR A 309 34.93 -1.16 -19.79
CA THR A 309 35.28 -0.07 -20.72
C THR A 309 34.56 -0.23 -22.07
N LEU A 310 33.95 -1.40 -22.28
CA LEU A 310 33.26 -1.71 -23.53
C LEU A 310 31.88 -2.30 -23.21
N THR A 311 30.82 -1.50 -23.33
CA THR A 311 29.47 -1.98 -23.04
C THR A 311 29.01 -2.96 -24.10
N LYS A 312 27.91 -3.66 -23.83
CA LYS A 312 27.38 -4.61 -24.80
C LYS A 312 26.92 -3.86 -26.04
N LEU A 313 26.76 -2.55 -25.91
CA LEU A 313 26.35 -1.72 -27.03
C LEU A 313 27.59 -1.15 -27.71
N HIS A 314 28.73 -1.80 -27.47
CA HIS A 314 30.00 -1.40 -28.06
C HIS A 314 30.28 0.09 -27.97
N GLU A 315 29.93 0.68 -26.83
CA GLU A 315 30.16 2.10 -26.57
C GLU A 315 31.40 2.11 -25.69
N LYS A 316 32.48 2.76 -26.16
CA LYS A 316 33.73 2.79 -25.39
C LYS A 316 33.74 3.87 -24.31
N GLY A 317 34.42 3.58 -23.20
CA GLY A 317 34.50 4.54 -22.13
C GLY A 317 35.92 4.81 -21.68
N GLN A 318 36.18 6.02 -21.21
CA GLN A 318 37.50 6.40 -20.73
C GLN A 318 37.37 6.68 -19.24
N LYS A 319 38.47 6.54 -18.50
CA LYS A 319 38.42 6.82 -17.07
C LYS A 319 38.09 8.28 -16.84
N VAL A 320 38.35 8.79 -15.64
CA VAL A 320 38.05 10.18 -15.34
C VAL A 320 39.24 10.82 -14.61
N ALA A 321 39.09 12.10 -14.26
CA ALA A 321 40.14 12.82 -13.55
C ALA A 321 40.36 12.17 -12.18
N PRO A 322 41.62 11.84 -11.84
CA PRO A 322 41.86 11.21 -10.54
C PRO A 322 41.21 11.93 -9.36
N ASP A 323 40.69 13.14 -9.59
CA ASP A 323 40.05 13.91 -8.54
C ASP A 323 38.68 14.42 -8.97
N PHE A 324 37.94 13.55 -9.64
CA PHE A 324 36.62 13.88 -10.13
C PHE A 324 35.55 13.67 -9.06
N GLU A 325 34.50 14.48 -9.14
CA GLU A 325 33.38 14.45 -8.22
C GLU A 325 32.13 14.85 -8.98
N TYR A 326 31.22 13.91 -9.20
CA TYR A 326 29.98 14.23 -9.92
C TYR A 326 28.92 14.63 -8.90
N SER A 327 28.89 15.92 -8.56
CA SER A 327 27.94 16.44 -7.60
C SER A 327 26.94 17.35 -8.31
N SER A 328 25.88 17.75 -7.60
CA SER A 328 24.86 18.61 -8.19
C SER A 328 25.15 20.09 -8.02
N HIS A 329 25.77 20.45 -6.90
CA HIS A 329 26.09 21.84 -6.62
C HIS A 329 26.86 22.49 -7.77
N ASN A 330 27.30 21.68 -8.73
CA ASN A 330 28.03 22.19 -9.89
C ASN A 330 28.23 21.18 -11.02
N ASN A 331 27.24 21.07 -11.90
CA ASN A 331 27.33 20.18 -13.04
C ASN A 331 27.20 20.99 -14.33
N ASN A 332 27.55 20.39 -15.45
CA ASN A 332 27.49 21.07 -16.74
C ASN A 332 26.09 21.56 -17.12
N GLN A 333 25.11 20.66 -17.20
CA GLN A 333 23.76 21.04 -17.58
C GLN A 333 22.89 21.54 -16.42
N TRP A 334 22.01 22.49 -16.73
CA TRP A 334 21.08 23.05 -15.75
C TRP A 334 19.73 23.28 -16.41
N LEU A 335 18.76 23.83 -15.68
CA LEU A 335 17.44 24.05 -16.26
C LEU A 335 16.71 25.31 -15.79
N GLU A 336 15.99 25.94 -16.72
CA GLU A 336 15.21 27.14 -16.42
C GLU A 336 13.78 26.76 -16.11
N PRO A 337 13.05 27.62 -15.36
CA PRO A 337 11.66 27.36 -15.00
C PRO A 337 10.71 27.19 -16.19
N ASP A 338 11.26 27.29 -17.40
CA ASP A 338 10.48 27.12 -18.62
C ASP A 338 10.60 25.65 -18.98
N ASP A 339 11.85 25.20 -19.10
CA ASP A 339 12.14 23.82 -19.44
C ASP A 339 11.35 22.90 -18.51
N LEU A 340 11.22 23.35 -17.25
CA LEU A 340 10.49 22.60 -16.25
C LEU A 340 9.00 22.52 -16.61
N LEU A 341 8.45 23.63 -17.09
CA LEU A 341 7.03 23.65 -17.49
C LEU A 341 6.92 23.03 -18.88
N LYS A 342 7.95 23.23 -19.70
CA LYS A 342 7.97 22.68 -21.06
C LYS A 342 8.08 21.17 -20.96
N LEU A 343 8.42 20.68 -19.78
CA LEU A 343 8.55 19.25 -19.53
C LEU A 343 7.88 18.89 -18.20
N LEU A 344 6.93 19.74 -17.79
CA LEU A 344 6.20 19.53 -16.54
C LEU A 344 5.19 18.40 -16.66
N MET B 18 -15.45 3.87 27.93
CA MET B 18 -14.83 5.21 28.16
C MET B 18 -13.53 5.37 27.36
N LEU B 19 -13.53 6.32 26.43
CA LEU B 19 -12.36 6.58 25.60
C LEU B 19 -11.58 7.76 26.14
N ASP B 20 -12.06 8.30 27.26
CA ASP B 20 -11.44 9.45 27.88
C ASP B 20 -10.01 9.24 28.35
N ASN B 21 -9.08 9.97 27.74
CA ASN B 21 -7.66 9.90 28.07
C ASN B 21 -7.02 8.57 27.71
N GLN B 22 -7.69 7.80 26.85
CA GLN B 22 -7.22 6.49 26.42
C GLN B 22 -6.33 6.54 25.17
N THR B 23 -5.57 5.48 24.95
CA THR B 23 -4.73 5.39 23.75
C THR B 23 -5.38 4.37 22.83
N ILE B 24 -5.66 4.78 21.59
CA ILE B 24 -6.31 3.90 20.62
C ILE B 24 -5.42 3.61 19.41
N LEU B 25 -5.29 2.33 19.07
CA LEU B 25 -4.52 1.96 17.88
C LEU B 25 -5.49 1.29 16.93
N ILE B 26 -5.38 1.63 15.66
CA ILE B 26 -6.24 1.06 14.64
C ILE B 26 -5.42 0.58 13.45
N THR B 27 -5.33 -0.73 13.30
CA THR B 27 -4.59 -1.34 12.19
C THR B 27 -5.37 -1.01 10.95
N GLY B 28 -4.66 -0.76 9.85
CA GLY B 28 -5.33 -0.40 8.63
C GLY B 28 -5.94 0.99 8.83
N GLY B 29 -5.23 1.82 9.60
CA GLY B 29 -5.71 3.16 9.89
C GLY B 29 -5.83 4.14 8.73
N THR B 30 -5.15 3.89 7.61
CA THR B 30 -5.23 4.80 6.47
C THR B 30 -6.34 4.41 5.48
N GLY B 31 -7.18 3.45 5.88
CA GLY B 31 -8.25 3.00 5.00
C GLY B 31 -9.52 3.85 5.11
N SER B 32 -10.55 3.52 4.34
CA SER B 32 -11.79 4.30 4.40
C SER B 32 -12.32 4.38 5.81
N PHE B 33 -12.65 3.22 6.38
CA PHE B 33 -13.15 3.18 7.75
C PHE B 33 -12.09 3.87 8.58
N GLY B 34 -10.83 3.54 8.28
CA GLY B 34 -9.70 4.09 9.00
C GLY B 34 -9.72 5.60 9.16
N LYS B 35 -9.73 6.32 8.05
CA LYS B 35 -9.72 7.77 8.12
C LYS B 35 -10.95 8.30 8.84
N CYS B 36 -12.10 7.72 8.53
CA CYS B 36 -13.34 8.15 9.15
C CYS B 36 -13.36 7.90 10.66
N PHE B 37 -12.85 6.75 11.09
CA PHE B 37 -12.83 6.44 12.51
C PHE B 37 -11.96 7.44 13.26
N VAL B 38 -10.81 7.78 12.67
CA VAL B 38 -9.88 8.72 13.27
C VAL B 38 -10.54 10.08 13.41
N ARG B 39 -11.18 10.54 12.35
CA ARG B 39 -11.86 11.81 12.35
C ARG B 39 -12.93 11.87 13.45
N LYS B 40 -13.71 10.81 13.59
CA LYS B 40 -14.75 10.75 14.60
C LYS B 40 -14.20 10.71 16.03
N VAL B 41 -13.06 10.05 16.22
CA VAL B 41 -12.46 9.95 17.55
C VAL B 41 -11.87 11.26 18.01
N LEU B 42 -11.26 12.00 17.09
CA LEU B 42 -10.68 13.30 17.45
C LEU B 42 -11.79 14.28 17.83
N ASP B 43 -12.68 14.51 16.87
CA ASP B 43 -13.80 15.43 17.02
C ASP B 43 -14.70 15.18 18.22
N THR B 44 -15.01 13.92 18.51
CA THR B 44 -15.95 13.64 19.60
C THR B 44 -15.44 13.05 20.92
N THR B 45 -14.33 12.33 20.91
CA THR B 45 -13.85 11.74 22.16
C THR B 45 -12.77 12.59 22.77
N ASN B 46 -12.27 12.12 23.90
CA ASN B 46 -11.19 12.77 24.60
C ASN B 46 -10.01 11.83 24.60
N ALA B 47 -9.95 10.99 23.57
CA ALA B 47 -8.86 10.04 23.43
C ALA B 47 -7.59 10.86 23.48
N LYS B 48 -6.64 10.40 24.28
CA LYS B 48 -5.37 11.08 24.44
C LYS B 48 -4.47 10.90 23.25
N LYS B 49 -4.54 9.71 22.66
CA LYS B 49 -3.70 9.37 21.54
C LYS B 49 -4.37 8.39 20.58
N ILE B 50 -4.22 8.65 19.28
CA ILE B 50 -4.80 7.80 18.25
C ILE B 50 -3.66 7.37 17.34
N ILE B 51 -3.39 6.07 17.33
CA ILE B 51 -2.29 5.53 16.55
C ILE B 51 -2.71 4.82 15.30
N VAL B 52 -2.17 5.27 14.16
CA VAL B 52 -2.43 4.66 12.86
C VAL B 52 -1.28 3.69 12.56
N TYR B 53 -1.61 2.43 12.29
CA TYR B 53 -0.66 1.38 12.02
C TYR B 53 -0.98 0.76 10.67
N SER B 54 -0.24 1.15 9.63
CA SER B 54 -0.45 0.61 8.28
C SER B 54 0.89 0.59 7.54
N ARG B 55 0.93 -0.09 6.40
CA ARG B 55 2.16 -0.24 5.62
C ARG B 55 2.66 0.90 4.73
N ASP B 56 1.75 1.46 3.94
CA ASP B 56 2.09 2.51 2.98
C ASP B 56 2.46 3.92 3.47
N GLU B 57 3.66 4.34 3.06
CA GLU B 57 4.21 5.65 3.39
C GLU B 57 3.49 6.74 2.60
N LEU B 58 3.02 6.41 1.40
CA LEU B 58 2.30 7.39 0.58
C LEU B 58 1.06 7.88 1.31
N LYS B 59 0.16 6.94 1.64
CA LYS B 59 -1.08 7.25 2.33
C LYS B 59 -0.88 7.82 3.75
N GLN B 60 0.20 7.43 4.41
CA GLN B 60 0.43 7.94 5.76
C GLN B 60 0.92 9.36 5.75
N SER B 61 1.79 9.70 4.80
CA SER B 61 2.29 11.07 4.75
C SER B 61 1.12 12.00 4.42
N GLU B 62 0.26 11.57 3.50
CA GLU B 62 -0.89 12.39 3.13
C GLU B 62 -1.84 12.51 4.32
N MET B 63 -2.15 11.39 4.95
CA MET B 63 -3.04 11.40 6.10
C MET B 63 -2.55 12.27 7.24
N ALA B 64 -1.25 12.31 7.46
CA ALA B 64 -0.72 13.11 8.54
C ALA B 64 -0.87 14.60 8.19
N MET B 65 -0.95 14.90 6.89
CA MET B 65 -1.13 16.27 6.44
C MET B 65 -2.56 16.69 6.64
N GLU B 66 -3.50 15.83 6.26
CA GLU B 66 -4.90 16.17 6.42
C GLU B 66 -5.34 16.15 7.89
N PHE B 67 -4.62 15.39 8.72
CA PHE B 67 -4.93 15.32 10.15
C PHE B 67 -3.76 15.88 10.95
N ASN B 68 -3.38 17.13 10.70
CA ASN B 68 -2.26 17.72 11.43
C ASN B 68 -2.69 18.00 12.87
N ASP B 69 -2.72 16.96 13.69
CA ASP B 69 -3.13 17.06 15.07
C ASP B 69 -2.14 16.35 16.01
N PRO B 70 -1.86 16.96 17.17
CA PRO B 70 -0.93 16.42 18.18
C PRO B 70 -1.29 15.02 18.67
N ARG B 71 -2.57 14.74 18.85
CA ARG B 71 -2.94 13.43 19.35
C ARG B 71 -2.78 12.31 18.32
N MET B 72 -2.41 12.66 17.09
CA MET B 72 -2.21 11.66 16.05
C MET B 72 -0.78 11.13 16.04
N ARG B 73 -0.63 9.85 15.70
CA ARG B 73 0.68 9.23 15.60
C ARG B 73 0.62 8.12 14.57
N PHE B 74 1.62 8.06 13.70
CA PHE B 74 1.67 7.05 12.65
C PHE B 74 2.81 6.05 12.82
N PHE B 75 2.48 4.77 12.65
CA PHE B 75 3.44 3.70 12.75
C PHE B 75 3.44 2.91 11.45
N ILE B 76 4.54 2.97 10.70
CA ILE B 76 4.63 2.17 9.49
C ILE B 76 4.83 0.74 9.97
N GLY B 77 3.89 -0.14 9.64
CA GLY B 77 4.00 -1.52 10.07
C GLY B 77 3.06 -2.45 9.34
N ASP B 78 3.31 -3.74 9.47
CA ASP B 78 2.51 -4.77 8.82
C ASP B 78 1.92 -5.70 9.89
N VAL B 79 0.64 -6.04 9.78
CA VAL B 79 0.07 -6.94 10.77
C VAL B 79 0.70 -8.34 10.69
N ARG B 80 1.43 -8.63 9.63
CA ARG B 80 2.07 -9.92 9.48
C ARG B 80 3.36 -9.98 10.30
N ASP B 81 3.72 -8.84 10.90
CA ASP B 81 4.93 -8.71 11.70
C ASP B 81 4.57 -8.68 13.17
N LEU B 82 4.72 -9.80 13.86
CA LEU B 82 4.37 -9.86 15.28
C LEU B 82 5.23 -8.97 16.16
N GLU B 83 6.52 -8.89 15.84
CA GLU B 83 7.41 -8.08 16.63
C GLU B 83 7.04 -6.60 16.53
N ARG B 84 6.79 -6.11 15.31
CA ARG B 84 6.43 -4.71 15.14
C ARG B 84 5.12 -4.37 15.86
N LEU B 85 4.14 -5.26 15.80
CA LEU B 85 2.88 -5.03 16.48
C LEU B 85 3.12 -4.88 17.99
N ASN B 86 3.96 -5.77 18.55
CA ASN B 86 4.32 -5.74 19.97
C ASN B 86 4.80 -4.36 20.34
N TYR B 87 5.66 -3.83 19.49
CA TYR B 87 6.24 -2.52 19.67
C TYR B 87 5.21 -1.39 19.63
N ALA B 88 4.34 -1.41 18.63
CA ALA B 88 3.36 -0.35 18.47
C ALA B 88 2.18 -0.40 19.42
N LEU B 89 1.84 -1.56 19.94
CA LEU B 89 0.71 -1.67 20.86
C LEU B 89 1.12 -1.36 22.29
N GLU B 90 2.39 -1.02 22.48
CA GLU B 90 2.90 -0.68 23.80
C GLU B 90 2.12 0.49 24.40
N GLY B 91 1.45 0.26 25.53
CA GLY B 91 0.72 1.35 26.16
C GLY B 91 -0.63 1.72 25.54
N VAL B 92 -1.17 0.83 24.72
CA VAL B 92 -2.45 1.09 24.09
C VAL B 92 -3.56 0.50 24.95
N ASP B 93 -4.68 1.18 25.04
CA ASP B 93 -5.81 0.70 25.82
C ASP B 93 -6.82 0.03 24.91
N ILE B 94 -7.09 0.65 23.77
CA ILE B 94 -8.05 0.13 22.82
C ILE B 94 -7.47 -0.13 21.44
N CYS B 95 -7.87 -1.24 20.85
CA CYS B 95 -7.38 -1.61 19.54
C CYS B 95 -8.53 -1.89 18.57
N ILE B 96 -8.52 -1.18 17.45
CA ILE B 96 -9.53 -1.37 16.42
C ILE B 96 -8.80 -2.06 15.27
N HIS B 97 -9.21 -3.28 14.94
CA HIS B 97 -8.57 -4.04 13.87
C HIS B 97 -9.33 -3.97 12.53
N ALA B 98 -8.88 -3.09 11.65
CA ALA B 98 -9.52 -2.91 10.36
C ALA B 98 -8.64 -3.29 9.17
N ALA B 99 -7.41 -3.72 9.44
CA ALA B 99 -6.46 -4.11 8.39
C ALA B 99 -6.89 -5.41 7.71
N ALA B 100 -6.83 -5.43 6.39
CA ALA B 100 -7.22 -6.61 5.64
C ALA B 100 -7.09 -6.45 4.13
N LEU B 101 -7.08 -7.59 3.45
CA LEU B 101 -7.09 -7.64 1.98
C LEU B 101 -8.54 -8.08 1.76
N LYS B 102 -9.36 -7.20 1.20
CA LYS B 102 -10.78 -7.51 1.00
C LYS B 102 -11.27 -7.69 -0.44
N HIS B 103 -10.46 -7.33 -1.42
CA HIS B 103 -10.88 -7.49 -2.81
C HIS B 103 -11.16 -8.99 -3.00
N VAL B 104 -12.42 -9.35 -3.11
CA VAL B 104 -12.78 -10.75 -3.26
C VAL B 104 -12.14 -11.49 -4.45
N PRO B 105 -12.25 -10.93 -5.66
CA PRO B 105 -11.61 -11.68 -6.74
C PRO B 105 -10.09 -11.77 -6.65
N ILE B 106 -9.43 -10.71 -6.16
CA ILE B 106 -7.97 -10.74 -6.03
C ILE B 106 -7.56 -11.75 -4.94
N ALA B 107 -8.39 -11.89 -3.92
CA ALA B 107 -8.10 -12.84 -2.86
C ALA B 107 -8.22 -14.26 -3.46
N GLU B 108 -9.02 -14.40 -4.51
CA GLU B 108 -9.22 -15.69 -5.16
C GLU B 108 -7.95 -16.14 -5.89
N TYR B 109 -7.17 -15.17 -6.36
CA TYR B 109 -5.92 -15.44 -7.09
C TYR B 109 -4.72 -15.43 -6.15
N ASN B 110 -4.80 -14.68 -5.06
CA ASN B 110 -3.71 -14.58 -4.12
C ASN B 110 -4.24 -15.03 -2.76
N PRO B 111 -4.68 -16.29 -2.66
CA PRO B 111 -5.22 -16.84 -1.41
C PRO B 111 -4.32 -16.81 -0.20
N LEU B 112 -3.05 -17.18 -0.38
CA LEU B 112 -2.11 -17.19 0.72
C LEU B 112 -1.86 -15.77 1.24
N GLU B 113 -1.90 -14.78 0.34
CA GLU B 113 -1.68 -13.40 0.75
C GLU B 113 -2.79 -12.96 1.66
N CYS B 114 -4.00 -13.32 1.28
CA CYS B 114 -5.19 -12.95 2.03
C CYS B 114 -5.20 -13.70 3.37
N ILE B 115 -4.72 -14.94 3.34
CA ILE B 115 -4.65 -15.76 4.53
C ILE B 115 -3.61 -15.20 5.49
N LYS B 116 -2.46 -14.80 4.97
CA LYS B 116 -1.41 -14.23 5.82
C LYS B 116 -1.90 -12.93 6.46
N THR B 117 -2.44 -12.03 5.66
CA THR B 117 -2.89 -10.76 6.19
C THR B 117 -4.12 -10.85 7.09
N ASN B 118 -5.16 -11.51 6.60
CA ASN B 118 -6.39 -11.62 7.37
C ASN B 118 -6.36 -12.61 8.54
N ILE B 119 -5.83 -13.81 8.30
CA ILE B 119 -5.80 -14.82 9.35
C ILE B 119 -4.58 -14.72 10.26
N MET B 120 -3.38 -14.71 9.68
CA MET B 120 -2.19 -14.59 10.51
C MET B 120 -2.21 -13.19 11.12
N GLY B 121 -2.59 -12.20 10.31
CA GLY B 121 -2.66 -10.84 10.81
C GLY B 121 -3.49 -10.78 12.08
N ALA B 122 -4.66 -11.41 12.07
CA ALA B 122 -5.54 -11.44 13.24
C ALA B 122 -4.83 -12.07 14.43
N SER B 123 -4.16 -13.19 14.16
CA SER B 123 -3.44 -13.91 15.18
C SER B 123 -2.37 -13.06 15.87
N ASN B 124 -1.56 -12.35 15.09
CA ASN B 124 -0.49 -11.53 15.65
C ASN B 124 -1.05 -10.41 16.52
N VAL B 125 -2.06 -9.71 16.00
CA VAL B 125 -2.68 -8.60 16.69
C VAL B 125 -3.19 -9.07 18.07
N ILE B 126 -3.84 -10.22 18.10
CA ILE B 126 -4.36 -10.78 19.34
C ILE B 126 -3.21 -10.97 20.32
N ASN B 127 -2.14 -11.59 19.82
CA ASN B 127 -0.93 -11.88 20.58
C ASN B 127 -0.32 -10.59 21.17
N ALA B 128 -0.07 -9.60 20.33
CA ALA B 128 0.49 -8.36 20.81
C ALA B 128 -0.46 -7.65 21.79
N CYS B 129 -1.77 -7.74 21.54
CA CYS B 129 -2.74 -7.10 22.42
C CYS B 129 -2.72 -7.72 23.82
N LEU B 130 -2.69 -9.05 23.89
CA LEU B 130 -2.63 -9.72 25.19
C LEU B 130 -1.33 -9.38 25.89
N LYS B 131 -0.23 -9.37 25.14
CA LYS B 131 1.10 -9.05 25.69
C LYS B 131 1.18 -7.66 26.32
N ASN B 132 0.69 -6.65 25.60
CA ASN B 132 0.71 -5.28 26.09
C ASN B 132 -0.51 -4.95 26.94
N ALA B 133 -1.27 -5.99 27.28
CA ALA B 133 -2.45 -5.86 28.12
C ALA B 133 -3.46 -4.79 27.71
N ILE B 134 -3.83 -4.77 26.43
CA ILE B 134 -4.82 -3.85 25.90
C ILE B 134 -6.13 -4.20 26.60
N SER B 135 -6.97 -3.19 26.89
CA SER B 135 -8.23 -3.46 27.56
C SER B 135 -9.31 -4.05 26.65
N GLN B 136 -9.56 -3.41 25.52
CA GLN B 136 -10.57 -3.91 24.60
C GLN B 136 -10.14 -3.85 23.14
N VAL B 137 -10.54 -4.86 22.40
CA VAL B 137 -10.22 -4.97 21.00
C VAL B 137 -11.48 -5.30 20.24
N ILE B 138 -11.65 -4.61 19.12
CA ILE B 138 -12.79 -4.88 18.25
C ILE B 138 -12.19 -5.07 16.89
N ALA B 139 -12.54 -6.19 16.26
CA ALA B 139 -12.05 -6.53 14.94
C ALA B 139 -13.20 -6.38 13.97
N LEU B 140 -12.92 -5.83 12.80
CA LEU B 140 -13.95 -5.68 11.79
C LEU B 140 -14.15 -6.96 10.98
N SER B 141 -15.39 -7.45 10.96
CA SER B 141 -15.76 -8.66 10.23
C SER B 141 -16.43 -8.21 8.94
N THR B 142 -17.32 -9.05 8.41
CA THR B 142 -18.04 -8.76 7.17
C THR B 142 -19.11 -9.81 6.94
N ASP B 143 -20.15 -9.43 6.20
CA ASP B 143 -21.24 -10.34 5.88
C ASP B 143 -20.75 -11.52 5.05
N LYS B 144 -19.65 -11.32 4.33
CA LYS B 144 -19.09 -12.38 3.50
C LYS B 144 -18.47 -13.50 4.32
N ALA B 145 -18.43 -13.32 5.64
CA ALA B 145 -17.88 -14.31 6.56
C ALA B 145 -18.96 -15.23 7.14
N ALA B 146 -20.21 -15.02 6.72
CA ALA B 146 -21.33 -15.86 7.19
C ALA B 146 -21.67 -16.84 6.08
N ASN B 147 -21.55 -18.13 6.36
CA ASN B 147 -21.82 -19.15 5.34
C ASN B 147 -21.04 -18.77 4.08
N PRO B 148 -19.78 -18.35 4.25
CA PRO B 148 -18.93 -17.93 3.13
C PRO B 148 -18.73 -18.88 1.96
N ILE B 149 -18.36 -18.31 0.81
CA ILE B 149 -18.05 -19.13 -0.34
C ILE B 149 -16.67 -18.73 -0.83
N ASN B 150 -16.37 -17.44 -0.81
CA ASN B 150 -15.06 -17.01 -1.28
C ASN B 150 -13.95 -17.06 -0.22
N LEU B 151 -12.71 -17.14 -0.69
CA LEU B 151 -11.56 -17.19 0.21
C LEU B 151 -11.55 -16.05 1.22
N TYR B 152 -11.79 -14.84 0.73
CA TYR B 152 -11.83 -13.68 1.59
C TYR B 152 -12.75 -13.94 2.78
N GLY B 153 -14.00 -14.34 2.49
CA GLY B 153 -14.96 -14.62 3.54
C GLY B 153 -14.51 -15.70 4.51
N ALA B 154 -13.83 -16.71 3.98
CA ALA B 154 -13.34 -17.80 4.82
C ALA B 154 -12.29 -17.24 5.78
N THR B 155 -11.39 -16.42 5.27
CA THR B 155 -10.34 -15.83 6.11
C THR B 155 -10.96 -14.99 7.23
N LYS B 156 -11.97 -14.19 6.89
CA LYS B 156 -12.61 -13.34 7.88
C LYS B 156 -13.34 -14.20 8.90
N LEU B 157 -13.89 -15.32 8.44
CA LEU B 157 -14.58 -16.23 9.36
C LEU B 157 -13.58 -16.77 10.35
N CYS B 158 -12.38 -17.14 9.89
CA CYS B 158 -11.35 -17.63 10.79
C CYS B 158 -10.94 -16.49 11.73
N SER B 159 -10.91 -15.28 11.18
CA SER B 159 -10.53 -14.13 11.97
C SER B 159 -11.50 -13.99 13.13
N ASP B 160 -12.79 -13.84 12.82
CA ASP B 160 -13.81 -13.68 13.86
C ASP B 160 -13.60 -14.74 14.93
N LYS B 161 -13.47 -15.99 14.49
CA LYS B 161 -13.26 -17.12 15.39
C LYS B 161 -12.09 -16.91 16.34
N LEU B 162 -10.93 -16.54 15.79
CA LEU B 162 -9.75 -16.30 16.62
C LEU B 162 -10.04 -15.27 17.70
N PHE B 163 -10.62 -14.15 17.28
CA PHE B 163 -10.95 -13.07 18.20
C PHE B 163 -11.94 -13.49 19.26
N VAL B 164 -12.95 -14.27 18.87
CA VAL B 164 -13.95 -14.72 19.83
C VAL B 164 -13.30 -15.67 20.83
N SER B 165 -12.46 -16.56 20.32
CA SER B 165 -11.77 -17.53 21.16
C SER B 165 -10.72 -16.89 22.05
N ALA B 166 -10.17 -15.77 21.59
CA ALA B 166 -9.14 -15.07 22.34
C ALA B 166 -9.57 -14.70 23.76
N ASN B 167 -10.88 -14.67 24.00
CA ASN B 167 -11.41 -14.28 25.30
C ASN B 167 -11.17 -15.30 26.40
N ASN B 168 -10.84 -16.54 26.02
CA ASN B 168 -10.57 -17.58 27.00
C ASN B 168 -9.19 -17.47 27.62
N PHE B 169 -8.36 -16.56 27.10
CA PHE B 169 -7.03 -16.37 27.67
C PHE B 169 -7.17 -15.59 28.96
N LYS B 170 -6.33 -15.92 29.94
CA LYS B 170 -6.38 -15.25 31.23
C LYS B 170 -5.01 -15.16 31.89
N GLY B 171 -4.78 -14.04 32.57
CA GLY B 171 -3.53 -13.83 33.26
C GLY B 171 -3.70 -12.78 34.34
N SER B 172 -2.64 -12.02 34.62
CA SER B 172 -2.71 -10.97 35.64
C SER B 172 -3.61 -9.85 35.12
N SER B 173 -3.85 -9.88 33.81
CA SER B 173 -4.68 -8.90 33.14
C SER B 173 -5.58 -9.57 32.10
N GLN B 174 -6.81 -9.07 31.98
CA GLN B 174 -7.77 -9.62 31.03
C GLN B 174 -7.93 -8.64 29.87
N THR B 175 -8.24 -9.17 28.69
CA THR B 175 -8.44 -8.36 27.50
C THR B 175 -9.74 -8.79 26.82
N GLN B 176 -10.58 -7.82 26.48
CA GLN B 176 -11.84 -8.13 25.82
C GLN B 176 -11.75 -8.02 24.31
N PHE B 177 -12.18 -9.08 23.62
CA PHE B 177 -12.14 -9.13 22.17
C PHE B 177 -13.52 -9.29 21.57
N SER B 178 -13.95 -8.33 20.78
CA SER B 178 -15.25 -8.43 20.12
C SER B 178 -15.09 -8.20 18.63
N VAL B 179 -16.14 -8.52 17.87
CA VAL B 179 -16.12 -8.37 16.42
C VAL B 179 -17.35 -7.57 15.95
N VAL B 180 -17.15 -6.71 14.96
CA VAL B 180 -18.27 -5.95 14.42
C VAL B 180 -18.48 -6.41 12.98
N ARG B 181 -19.69 -6.86 12.68
CA ARG B 181 -20.00 -7.35 11.34
C ARG B 181 -21.16 -6.63 10.65
N TYR B 182 -20.89 -6.10 9.46
CA TYR B 182 -21.91 -5.41 8.65
C TYR B 182 -21.61 -5.51 7.16
N GLY B 183 -22.61 -5.25 6.33
CA GLY B 183 -22.43 -5.36 4.90
C GLY B 183 -21.77 -4.20 4.18
N ASN B 184 -21.98 -4.14 2.87
CA ASN B 184 -21.40 -3.13 2.02
C ASN B 184 -21.43 -1.72 2.61
N VAL B 185 -20.34 -1.01 2.39
CA VAL B 185 -20.22 0.36 2.86
C VAL B 185 -20.41 1.27 1.65
N VAL B 186 -21.50 2.02 1.65
CA VAL B 186 -21.81 2.94 0.55
C VAL B 186 -20.59 3.75 0.19
N GLY B 187 -20.24 3.77 -1.08
CA GLY B 187 -19.08 4.54 -1.50
C GLY B 187 -17.83 4.30 -0.68
N SER B 188 -17.43 3.03 -0.59
CA SER B 188 -16.22 2.69 0.15
C SER B 188 -15.07 2.80 -0.84
N ARG B 189 -13.84 2.78 -0.33
CA ARG B 189 -12.66 2.88 -1.17
C ARG B 189 -12.75 1.86 -2.30
N GLY B 190 -13.12 2.36 -3.48
CA GLY B 190 -13.24 1.50 -4.65
C GLY B 190 -14.33 0.45 -4.53
N SER B 191 -15.58 0.88 -4.46
CA SER B 191 -16.70 -0.05 -4.36
C SER B 191 -17.56 0.07 -5.61
N VAL B 192 -18.85 -0.19 -5.51
CA VAL B 192 -19.71 -0.10 -6.67
C VAL B 192 -20.29 1.29 -6.89
N VAL B 193 -21.00 1.82 -5.90
CA VAL B 193 -21.60 3.14 -6.00
C VAL B 193 -20.65 4.21 -6.55
N PRO B 194 -19.46 4.38 -5.94
CA PRO B 194 -18.50 5.37 -6.42
C PRO B 194 -18.06 5.10 -7.85
N PHE B 195 -18.13 3.84 -8.25
CA PHE B 195 -17.75 3.44 -9.60
C PHE B 195 -18.85 3.89 -10.55
N PHE B 196 -20.09 3.81 -10.10
CA PHE B 196 -21.24 4.22 -10.89
C PHE B 196 -21.24 5.74 -11.02
N LYS B 197 -20.08 6.34 -10.78
CA LYS B 197 -19.90 7.77 -10.88
C LYS B 197 -18.87 7.98 -11.99
N LYS B 198 -17.71 7.37 -11.81
CA LYS B 198 -16.63 7.46 -12.79
C LYS B 198 -17.14 7.01 -14.15
N LEU B 199 -18.29 6.33 -14.16
CA LEU B 199 -18.90 5.88 -15.41
C LEU B 199 -19.72 7.03 -15.96
N VAL B 200 -20.44 7.72 -15.09
CA VAL B 200 -21.26 8.85 -15.50
C VAL B 200 -20.31 9.91 -16.07
N GLN B 201 -19.21 10.13 -15.35
CA GLN B 201 -18.19 11.09 -15.77
C GLN B 201 -17.54 10.62 -17.06
N ASN B 202 -17.33 9.31 -17.16
CA ASN B 202 -16.71 8.71 -18.33
C ASN B 202 -17.58 8.95 -19.56
N LYS B 203 -18.59 9.81 -19.41
CA LYS B 203 -19.50 10.11 -20.51
C LYS B 203 -20.07 8.81 -21.07
N ALA B 204 -19.89 7.74 -20.32
CA ALA B 204 -20.36 6.42 -20.74
C ALA B 204 -21.85 6.25 -20.46
N SER B 205 -22.54 5.59 -21.39
CA SER B 205 -23.97 5.34 -21.25
C SER B 205 -24.16 3.83 -21.34
N GLU B 206 -23.74 3.14 -20.28
CA GLU B 206 -23.84 1.69 -20.19
C GLU B 206 -23.43 1.22 -18.79
N ILE B 207 -24.42 0.86 -17.98
CA ILE B 207 -24.20 0.40 -16.61
C ILE B 207 -24.00 -1.12 -16.50
N PRO B 208 -22.83 -1.56 -16.01
CA PRO B 208 -22.50 -2.98 -15.85
C PRO B 208 -23.16 -3.64 -14.63
N ILE B 209 -24.06 -4.57 -14.88
CA ILE B 209 -24.75 -5.30 -13.81
C ILE B 209 -24.28 -6.76 -13.76
N THR B 210 -24.59 -7.43 -12.65
CA THR B 210 -24.19 -8.83 -12.46
C THR B 210 -25.38 -9.79 -12.49
N ASP B 211 -26.50 -9.37 -11.90
CA ASP B 211 -27.70 -10.19 -11.86
C ASP B 211 -28.85 -9.41 -11.21
N ILE B 212 -29.96 -9.30 -11.92
CA ILE B 212 -31.13 -8.57 -11.44
C ILE B 212 -31.54 -8.91 -10.01
N ARG B 213 -31.16 -10.10 -9.54
CA ARG B 213 -31.51 -10.53 -8.20
C ARG B 213 -30.54 -10.01 -7.15
N MET B 214 -29.31 -9.73 -7.57
CA MET B 214 -28.27 -9.23 -6.67
C MET B 214 -28.83 -8.32 -5.57
N THR B 215 -28.42 -8.60 -4.34
CA THR B 215 -28.87 -7.86 -3.17
C THR B 215 -27.78 -7.78 -2.11
N ARG B 216 -27.75 -6.67 -1.38
CA ARG B 216 -26.74 -6.46 -0.36
C ARG B 216 -27.27 -5.56 0.76
N PHE B 217 -26.60 -5.62 1.91
CA PHE B 217 -26.94 -4.78 3.05
C PHE B 217 -26.16 -3.48 2.80
N TRP B 218 -26.71 -2.34 3.21
CA TRP B 218 -26.01 -1.08 3.00
C TRP B 218 -25.91 -0.22 4.26
N ILE B 219 -24.67 0.09 4.66
CA ILE B 219 -24.43 0.89 5.84
C ILE B 219 -23.49 2.01 5.44
N THR B 220 -23.56 3.16 6.11
CA THR B 220 -22.66 4.26 5.76
C THR B 220 -21.39 4.22 6.56
N LEU B 221 -20.34 4.79 5.99
CA LEU B 221 -19.04 4.84 6.63
C LEU B 221 -19.22 5.40 8.05
N ASP B 222 -20.01 6.47 8.15
CA ASP B 222 -20.28 7.10 9.43
C ASP B 222 -21.05 6.17 10.38
N GLU B 223 -22.01 5.42 9.85
CA GLU B 223 -22.79 4.49 10.67
C GLU B 223 -21.91 3.35 11.20
N GLY B 224 -21.10 2.77 10.32
CA GLY B 224 -20.23 1.69 10.74
C GLY B 224 -19.36 2.15 11.90
N VAL B 225 -18.82 3.36 11.77
CA VAL B 225 -17.95 3.93 12.79
C VAL B 225 -18.67 4.15 14.11
N SER B 226 -19.89 4.66 14.06
CA SER B 226 -20.63 4.90 15.29
C SER B 226 -20.98 3.59 15.98
N PHE B 227 -21.21 2.55 15.18
CA PHE B 227 -21.56 1.25 15.72
C PHE B 227 -20.37 0.61 16.43
N VAL B 228 -19.18 0.89 15.94
CA VAL B 228 -17.98 0.36 16.57
C VAL B 228 -17.81 1.06 17.92
N LEU B 229 -17.93 2.38 17.94
CA LEU B 229 -17.82 3.15 19.18
C LEU B 229 -18.88 2.71 20.19
N LYS B 230 -20.10 2.45 19.73
CA LYS B 230 -21.17 1.99 20.63
C LYS B 230 -20.80 0.63 21.20
N SER B 231 -20.34 -0.27 20.34
CA SER B 231 -19.94 -1.62 20.72
C SER B 231 -18.93 -1.62 21.86
N LEU B 232 -17.92 -0.77 21.78
CA LEU B 232 -16.90 -0.69 22.84
C LEU B 232 -17.57 -0.50 24.19
N LYS B 233 -18.65 0.28 24.19
CA LYS B 233 -19.39 0.59 25.40
C LYS B 233 -20.37 -0.51 25.81
N ARG B 234 -20.60 -1.47 24.94
CA ARG B 234 -21.54 -2.56 25.22
C ARG B 234 -20.86 -3.90 25.48
N MET B 235 -19.73 -4.11 24.84
CA MET B 235 -19.01 -5.39 24.93
C MET B 235 -18.56 -5.95 26.28
N HIS B 236 -18.79 -7.25 26.44
CA HIS B 236 -18.36 -8.01 27.62
C HIS B 236 -17.11 -8.73 27.13
N GLY B 237 -17.04 -8.89 25.81
CA GLY B 237 -15.95 -9.59 25.15
C GLY B 237 -16.47 -10.92 24.64
N GLY B 238 -16.29 -11.20 23.35
CA GLY B 238 -16.74 -12.46 22.79
C GLY B 238 -17.91 -12.32 21.83
N GLU B 239 -18.52 -11.13 21.78
CA GLU B 239 -19.65 -10.91 20.90
C GLU B 239 -19.30 -10.59 19.45
N ILE B 240 -20.26 -10.84 18.57
CA ILE B 240 -20.13 -10.45 17.18
C ILE B 240 -21.35 -9.53 17.04
N PHE B 241 -21.09 -8.23 17.09
CA PHE B 241 -22.16 -7.24 16.96
C PHE B 241 -22.56 -7.07 15.52
N VAL B 242 -23.86 -7.07 15.28
CA VAL B 242 -24.38 -6.88 13.94
C VAL B 242 -25.40 -5.76 13.99
N PRO B 243 -25.20 -4.70 13.20
CA PRO B 243 -26.16 -3.60 13.20
C PRO B 243 -27.32 -3.92 12.27
N LYS B 244 -28.53 -3.52 12.63
CA LYS B 244 -29.68 -3.76 11.76
C LYS B 244 -29.61 -2.71 10.67
N ILE B 245 -29.28 -3.12 9.46
CA ILE B 245 -29.16 -2.20 8.35
C ILE B 245 -30.04 -2.64 7.19
N PRO B 246 -30.41 -1.69 6.32
CA PRO B 246 -31.27 -1.95 5.15
C PRO B 246 -30.61 -2.73 4.01
N SER B 247 -31.46 -3.38 3.23
CA SER B 247 -31.02 -4.14 2.06
C SER B 247 -31.45 -3.32 0.87
N MET B 248 -30.95 -3.66 -0.31
CA MET B 248 -31.31 -2.92 -1.50
C MET B 248 -31.03 -3.73 -2.73
N LYS B 249 -32.03 -3.83 -3.60
CA LYS B 249 -31.88 -4.57 -4.84
C LYS B 249 -30.78 -3.86 -5.63
N MET B 250 -29.82 -4.62 -6.12
CA MET B 250 -28.70 -4.06 -6.87
C MET B 250 -29.22 -3.49 -8.19
N THR B 251 -30.52 -3.60 -8.39
CA THR B 251 -31.18 -3.09 -9.59
C THR B 251 -31.56 -1.63 -9.35
N ASP B 252 -31.85 -1.29 -8.10
CA ASP B 252 -32.23 0.07 -7.76
C ASP B 252 -31.00 0.96 -7.53
N LEU B 253 -29.89 0.37 -7.11
CA LEU B 253 -28.66 1.14 -6.88
C LEU B 253 -28.23 1.79 -8.20
N ALA B 254 -28.58 1.14 -9.31
CA ALA B 254 -28.25 1.66 -10.63
C ALA B 254 -29.37 2.64 -11.03
N LYS B 255 -30.62 2.20 -10.84
CA LYS B 255 -31.77 3.04 -11.15
C LYS B 255 -31.58 4.39 -10.48
N ALA B 256 -31.41 4.35 -9.16
CA ALA B 256 -31.23 5.55 -8.35
C ALA B 256 -30.09 6.41 -8.88
N LEU B 257 -28.92 5.83 -9.06
CA LEU B 257 -27.77 6.57 -9.54
C LEU B 257 -27.67 6.69 -11.05
N ALA B 258 -28.79 6.49 -11.74
CA ALA B 258 -28.83 6.58 -13.20
C ALA B 258 -30.21 6.20 -13.74
N PRO B 259 -31.23 7.03 -13.46
CA PRO B 259 -32.60 6.80 -13.92
C PRO B 259 -32.69 6.55 -15.42
N ASN B 260 -31.65 6.96 -16.14
CA ASN B 260 -31.60 6.78 -17.58
C ASN B 260 -30.20 6.40 -18.06
N THR B 261 -30.08 5.15 -18.50
CA THR B 261 -28.84 4.60 -19.01
C THR B 261 -29.01 3.08 -19.03
N PRO B 262 -28.44 2.41 -20.05
CA PRO B 262 -28.55 0.95 -20.21
C PRO B 262 -27.79 0.11 -19.17
N THR B 263 -28.28 -1.10 -18.94
CA THR B 263 -27.69 -2.03 -17.98
C THR B 263 -27.23 -3.32 -18.66
N LYS B 264 -25.96 -3.36 -19.04
CA LYS B 264 -25.39 -4.53 -19.72
C LYS B 264 -24.96 -5.64 -18.75
N ILE B 265 -25.79 -6.66 -18.62
CA ILE B 265 -25.55 -7.79 -17.72
C ILE B 265 -24.21 -8.50 -17.96
N ILE B 266 -23.15 -8.07 -17.27
CA ILE B 266 -21.83 -8.68 -17.41
C ILE B 266 -21.63 -9.94 -16.58
N GLY B 267 -22.71 -10.45 -15.99
CA GLY B 267 -22.61 -11.66 -15.20
C GLY B 267 -21.97 -11.51 -13.82
N ILE B 268 -21.67 -12.65 -13.20
CA ILE B 268 -21.08 -12.70 -11.87
C ILE B 268 -19.55 -12.86 -11.84
N ARG B 269 -18.91 -12.21 -10.86
CA ARG B 269 -17.46 -12.25 -10.71
C ARG B 269 -17.01 -13.41 -9.81
N PRO B 270 -15.75 -13.84 -9.94
CA PRO B 270 -15.22 -14.95 -9.14
C PRO B 270 -15.49 -14.82 -7.64
N GLY B 271 -16.45 -15.60 -7.15
CA GLY B 271 -16.75 -15.58 -5.72
C GLY B 271 -17.97 -14.84 -5.23
N GLU B 272 -18.74 -14.22 -6.12
CA GLU B 272 -19.92 -13.47 -5.68
C GLU B 272 -21.12 -14.33 -5.33
N LYS B 273 -21.94 -13.79 -4.43
CA LYS B 273 -23.16 -14.42 -3.98
C LYS B 273 -24.27 -13.53 -4.52
N LEU B 274 -25.47 -14.08 -4.66
CA LEU B 274 -26.59 -13.29 -5.12
C LEU B 274 -27.09 -12.49 -3.92
N HIS B 275 -27.00 -13.11 -2.75
CA HIS B 275 -27.42 -12.47 -1.49
C HIS B 275 -26.43 -12.80 -0.38
N GLU B 276 -26.16 -11.81 0.46
CA GLU B 276 -25.22 -11.99 1.55
C GLU B 276 -25.96 -12.20 2.87
N VAL B 277 -25.56 -13.22 3.61
CA VAL B 277 -26.14 -13.54 4.90
C VAL B 277 -25.32 -12.78 5.92
N MET B 278 -25.92 -12.41 7.04
CA MET B 278 -25.16 -11.71 8.07
C MET B 278 -25.27 -12.46 9.40
N ILE B 279 -26.37 -13.20 9.54
CA ILE B 279 -26.62 -14.04 10.71
C ILE B 279 -27.25 -15.31 10.15
N PRO B 280 -26.43 -16.36 9.93
CA PRO B 280 -26.84 -17.66 9.39
C PRO B 280 -28.01 -18.32 10.12
N LYS B 281 -28.77 -19.11 9.37
CA LYS B 281 -29.92 -19.84 9.90
C LYS B 281 -29.50 -20.82 10.99
N ASP B 282 -28.34 -21.43 10.82
CA ASP B 282 -27.83 -22.40 11.78
C ASP B 282 -27.27 -21.74 13.04
N GLU B 283 -27.42 -20.42 13.16
CA GLU B 283 -26.91 -19.70 14.32
C GLU B 283 -27.99 -18.94 15.08
N SER B 284 -29.22 -19.01 14.59
CA SER B 284 -30.35 -18.33 15.22
C SER B 284 -30.42 -18.56 16.72
N HIS B 285 -29.97 -19.71 17.17
CA HIS B 285 -30.00 -20.05 18.59
C HIS B 285 -28.92 -19.31 19.37
N LEU B 286 -27.94 -18.78 18.65
CA LEU B 286 -26.85 -18.05 19.28
C LEU B 286 -27.15 -16.56 19.28
N ALA B 287 -28.08 -16.14 18.41
CA ALA B 287 -28.47 -14.75 18.27
C ALA B 287 -29.31 -14.20 19.43
N LEU B 288 -29.14 -12.90 19.69
CA LEU B 288 -29.89 -12.20 20.74
C LEU B 288 -30.30 -10.89 20.08
N GLU B 289 -31.61 -10.62 20.06
CA GLU B 289 -32.11 -9.40 19.43
C GLU B 289 -32.20 -8.19 20.34
N PHE B 290 -31.92 -7.03 19.76
CA PHE B 290 -31.94 -5.76 20.46
C PHE B 290 -32.65 -4.70 19.62
N GLU B 291 -32.78 -3.52 20.19
CA GLU B 291 -33.43 -2.41 19.52
C GLU B 291 -32.83 -2.13 18.13
N ASP B 292 -31.52 -1.88 18.06
CA ASP B 292 -30.91 -1.58 16.78
C ASP B 292 -29.90 -2.60 16.32
N PHE B 293 -29.49 -3.50 17.20
CA PHE B 293 -28.48 -4.47 16.85
C PHE B 293 -28.75 -5.93 17.20
N PHE B 294 -27.79 -6.77 16.85
CA PHE B 294 -27.85 -8.20 17.12
C PHE B 294 -26.51 -8.64 17.70
N ILE B 295 -26.54 -9.53 18.67
CA ILE B 295 -25.32 -10.08 19.23
C ILE B 295 -25.38 -11.56 18.89
N ILE B 296 -24.36 -12.07 18.21
CA ILE B 296 -24.32 -13.50 17.94
C ILE B 296 -23.43 -13.97 19.06
N GLN B 297 -23.94 -14.83 19.91
CA GLN B 297 -23.17 -15.32 21.04
C GLN B 297 -22.11 -16.32 20.64
N PRO B 298 -21.06 -16.46 21.47
CA PRO B 298 -20.00 -17.41 21.17
C PRO B 298 -20.59 -18.81 21.09
N THR B 299 -19.95 -19.70 20.35
CA THR B 299 -20.46 -21.06 20.26
C THR B 299 -19.78 -21.93 21.31
N ILE B 300 -18.73 -21.39 21.94
CA ILE B 300 -17.98 -22.09 22.98
C ILE B 300 -18.21 -21.43 24.34
N SER B 301 -17.87 -22.13 25.42
CA SER B 301 -18.04 -21.60 26.77
C SER B 301 -16.72 -21.04 27.24
N PHE B 302 -16.77 -20.03 28.09
CA PHE B 302 -15.55 -19.41 28.60
C PHE B 302 -15.28 -19.76 30.07
N GLN B 303 -14.03 -19.57 30.50
CA GLN B 303 -13.66 -19.83 31.88
C GLN B 303 -14.61 -18.96 32.69
N THR B 304 -14.62 -17.67 32.36
CA THR B 304 -15.47 -16.69 33.00
C THR B 304 -16.68 -16.44 32.09
N PRO B 305 -17.79 -17.12 32.35
CA PRO B 305 -19.00 -16.96 31.52
C PRO B 305 -19.49 -15.51 31.48
N LYS B 306 -20.39 -15.22 30.54
CA LYS B 306 -20.91 -13.87 30.40
C LYS B 306 -22.41 -13.94 30.09
N ASP B 307 -23.15 -12.90 30.43
CA ASP B 307 -24.56 -12.87 30.13
C ASP B 307 -24.78 -11.84 29.04
N TYR B 308 -24.85 -12.33 27.80
CA TYR B 308 -25.03 -11.48 26.63
C TYR B 308 -26.42 -10.88 26.48
N THR B 309 -27.32 -11.17 27.42
CA THR B 309 -28.68 -10.64 27.35
C THR B 309 -28.75 -9.23 27.91
N LEU B 310 -27.69 -8.81 28.60
CA LEU B 310 -27.60 -7.45 29.16
C LEU B 310 -26.25 -6.82 28.87
N THR B 311 -26.23 -5.95 27.86
CA THR B 311 -24.98 -5.28 27.48
C THR B 311 -24.52 -4.48 28.70
N LYS B 312 -23.37 -3.84 28.58
CA LYS B 312 -22.87 -3.04 29.69
C LYS B 312 -23.68 -1.76 29.83
N LEU B 313 -24.45 -1.43 28.79
CA LEU B 313 -25.30 -0.24 28.82
C LEU B 313 -26.67 -0.65 29.34
N HIS B 314 -26.72 -1.86 29.89
CA HIS B 314 -27.92 -2.46 30.47
C HIS B 314 -29.09 -2.63 29.50
N GLU B 315 -28.77 -2.84 28.23
CA GLU B 315 -29.78 -3.04 27.20
C GLU B 315 -30.14 -4.52 27.23
N LYS B 316 -31.43 -4.82 27.35
CA LYS B 316 -31.88 -6.20 27.41
C LYS B 316 -32.13 -6.79 26.04
N GLY B 317 -31.55 -7.96 25.80
CA GLY B 317 -31.71 -8.62 24.52
C GLY B 317 -32.62 -9.83 24.65
N GLN B 318 -33.08 -10.35 23.51
CA GLN B 318 -33.97 -11.50 23.53
C GLN B 318 -33.70 -12.45 22.38
N LYS B 319 -34.07 -13.71 22.57
CA LYS B 319 -33.88 -14.74 21.54
C LYS B 319 -34.76 -14.46 20.34
N VAL B 320 -34.37 -15.02 19.20
CA VAL B 320 -35.11 -14.84 17.97
C VAL B 320 -35.85 -16.14 17.64
N ALA B 321 -36.74 -16.09 16.65
CA ALA B 321 -37.50 -17.27 16.24
C ALA B 321 -36.55 -18.37 15.73
N PRO B 322 -36.84 -19.63 16.08
CA PRO B 322 -36.05 -20.81 15.69
C PRO B 322 -35.53 -20.89 14.25
N ASP B 323 -36.31 -20.43 13.29
CA ASP B 323 -35.90 -20.49 11.88
C ASP B 323 -35.41 -19.14 11.36
N PHE B 324 -34.98 -18.29 12.28
CA PHE B 324 -34.51 -16.96 11.95
C PHE B 324 -33.20 -16.94 11.18
N GLU B 325 -33.06 -15.92 10.34
CA GLU B 325 -31.88 -15.72 9.51
C GLU B 325 -31.88 -14.29 8.98
N TYR B 326 -30.79 -13.56 9.25
CA TYR B 326 -30.68 -12.19 8.79
C TYR B 326 -29.94 -12.11 7.46
N SER B 327 -30.68 -12.17 6.35
CA SER B 327 -30.08 -12.10 5.02
C SER B 327 -30.50 -10.83 4.29
N SER B 328 -29.83 -10.55 3.18
CA SER B 328 -30.15 -9.36 2.39
C SER B 328 -31.40 -9.57 1.56
N HIS B 329 -31.62 -10.80 1.11
CA HIS B 329 -32.78 -11.12 0.29
C HIS B 329 -34.08 -10.93 1.06
N ASN B 330 -34.14 -11.45 2.28
CA ASN B 330 -35.34 -11.37 3.09
C ASN B 330 -35.17 -10.38 4.23
N ASN B 331 -35.02 -9.11 3.90
CA ASN B 331 -34.85 -8.08 4.92
C ASN B 331 -36.13 -7.26 4.98
N ASN B 332 -36.51 -6.85 6.18
CA ASN B 332 -37.72 -6.08 6.34
C ASN B 332 -37.46 -4.58 6.10
N GLN B 333 -36.21 -4.22 5.87
CA GLN B 333 -35.85 -2.83 5.61
C GLN B 333 -35.22 -2.69 4.23
N TRP B 334 -35.52 -1.60 3.54
CA TRP B 334 -34.95 -1.39 2.22
C TRP B 334 -34.66 0.07 1.92
N LEU B 335 -33.47 0.31 1.37
CA LEU B 335 -33.05 1.65 1.03
C LEU B 335 -33.80 2.12 -0.22
N GLU B 336 -34.43 3.29 -0.11
CA GLU B 336 -35.18 3.87 -1.22
C GLU B 336 -34.22 4.65 -2.11
N PRO B 337 -34.30 4.44 -3.44
CA PRO B 337 -33.41 5.15 -4.37
C PRO B 337 -33.33 6.66 -4.14
N ASP B 338 -34.28 7.21 -3.39
CA ASP B 338 -34.30 8.63 -3.08
C ASP B 338 -33.61 8.86 -1.75
N ASP B 339 -33.73 7.87 -0.87
CA ASP B 339 -33.12 7.95 0.45
C ASP B 339 -31.68 7.47 0.37
N LEU B 340 -31.32 6.91 -0.79
CA LEU B 340 -29.96 6.43 -1.03
C LEU B 340 -29.16 7.62 -1.51
N LEU B 341 -29.78 8.43 -2.36
CA LEU B 341 -29.15 9.62 -2.90
C LEU B 341 -28.87 10.59 -1.74
N LYS B 342 -29.57 10.39 -0.63
CA LYS B 342 -29.42 11.22 0.54
C LYS B 342 -28.19 10.81 1.34
N LEU B 343 -27.69 9.61 1.09
CA LEU B 343 -26.50 9.11 1.77
C LEU B 343 -25.31 9.88 1.21
N LEU B 344 -25.16 9.80 -0.11
CA LEU B 344 -24.07 10.48 -0.81
C LEU B 344 -24.10 11.98 -0.51
#